data_7CRR
#
_entry.id   7CRR
#
_cell.length_a   1.00
_cell.length_b   1.00
_cell.length_c   1.00
_cell.angle_alpha   90.00
_cell.angle_beta   90.00
_cell.angle_gamma   90.00
#
_symmetry.space_group_name_H-M   'P 1'
#
loop_
_entity.id
_entity.type
_entity.pdbx_description
1 polymer 'Histone H3'
2 polymer 'Histone H4'
3 polymer 'Histone H2A'
4 polymer 'Histone H2B'
5 polymer 'DNA (168-MER)'
6 polymer DNA(168-MER)
7 polymer 'Histone-lysine N-methyltransferase NSD3'
8 non-polymer S-ADENOSYLMETHIONINE
9 non-polymer 'ZINC ION'
#
loop_
_entity_poly.entity_id
_entity_poly.type
_entity_poly.pdbx_seq_one_letter_code
_entity_poly.pdbx_strand_id
1 'polypeptide(L)'
;ARTKQTARKSTGGKAPRKQLATKAARKSAPATGGV(NLE)KPHRYRPGTVALREIRRYQKSTELLIRKLPFQRLVREIAQ
DFKTDLRFQSSAV(NLE)ALQEASEAYLVGLFEDTNLCGIHAKRVTI(NLE)PKDIQLARRIRGERA
;
M,E
2 'polypeptide(L)'
;SGRGKGGKGLGKGGAKRHRKVLRDNIQGITKPAIRRLARRGGVKRISGLIYEETRGVLKVFLENVIRDAVTYTEHAKRKT
VTAMDVVYALKRQGRTLYGFGG
;
B,F
3 'polypeptide(L)'
;SGRGKQGGKTRAKAKTRSSRAGLQFPVGRVHRLLRKGNYAERVGAGAPVYLAAVLEYLTAEILELAGNAARDNKKTRIIP
RHLQLAVRNDEELNKLLGRVTIAQGGVLPNIQSVLLPKKTESSKSAKSK
;
C,G
4 'polypeptide(L)'
;AKSAPAPKKGSKKAVTKTQKKDGKKRRKTRKESYAIYVYKVLKQVHPDTGISSKAMSIMNSFVNDVFERIAGEASRLAHY
NKRSTITSREIQTAVRLLLPGELAKHAVSEGTKAVTKYTSAK
;
D,H
5 'polydeoxyribonucleotide'
;(DA)(DT)(DC)(DG)(DG)(DG)(DT)(DG)(DA)(DT)(DG)(DC)(DC)(DC)(DG)(DA)(DT)(DC)(DC)(DC)
(DC)(DT)(DG)(DG)(DA)(DG)(DA)(DA)(DT)(DC)(DC)(DC)(DG)(DG)(DT)(DG)(DC)(DC)(DG)(DA)
(DG)(DG)(DC)(DC)(DG)(DC)(DT)(DC)(DA)(DA)(DT)(DT)(DG)(DG)(DT)(DC)(DG)(DT)(DA)(DG)
(DA)(DC)(DA)(DG)(DC)(DT)(DC)(DT)(DA)(DG)(DC)(DA)(DC)(DC)(DG)(DC)(DT)(DT)(DA)(DA)
(DA)(DC)(DG)(DC)(DA)(DC)(DG)(DT)(DA)(DC)(DG)(DC)(DG)(DC)(DT)(DG)(DT)(DC)(DC)(DC)
(DC)(DC)(DG)(DC)(DG)(DT)(DT)(DT)(DT)(DA)(DA)(DC)(DC)(DG)(DC)(DC)(DA)(DA)(DG)(DG)
(DG)(DG)(DA)(DT)(DT)(DA)(DC)(DT)(DC)(DC)(DC)(DT)(DA)(DG)(DT)(DC)(DT)(DC)(DC)(DA)
(DG)(DG)(DC)(DA)(DC)(DG)(DT)(DG)(DT)(DC)(DA)(DG)(DA)(DT)(DA)(DT)(DA)(DT)(DA)(DC)
(DA)(DT)(DC)(DC)(DT)(DG)(DT)(DT)(DC)(DC)(DA)(DG)(DT)(DG)(DC)(DC)(DG)(DG)(DT)(DG)
(DT)(DC)(DG)(DC)(DG)(DA)(DT)
;
A
6 'polydeoxyribonucleotide'
;(DA)(DT)(DC)(DG)(DC)(DG)(DA)(DC)(DA)(DC)(DC)(DG)(DG)(DC)(DA)(DC)(DT)(DG)(DG)(DA)
(DA)(DC)(DA)(DG)(DG)(DA)(DT)(DG)(DT)(DA)(DT)(DA)(DT)(DA)(DT)(DC)(DT)(DG)(DA)(DC)
(DA)(DC)(DG)(DT)(DG)(DC)(DC)(DT)(DG)(DG)(DA)(DG)(DA)(DC)(DT)(DA)(DG)(DG)(DG)(DA)
(DG)(DT)(DA)(DA)(DT)(DC)(DC)(DC)(DC)(DT)(DT)(DG)(DG)(DC)(DG)(DG)(DT)(DT)(DA)(DA)
(DA)(DA)(DC)(DG)(DC)(DG)(DG)(DG)(DG)(DG)(DA)(DC)(DA)(DG)(DC)(DG)(DC)(DG)(DT)(DA)
(DC)(DG)(DT)(DG)(DC)(DG)(DT)(DT)(DT)(DA)(DA)(DG)(DC)(DG)(DG)(DT)(DG)(DC)(DT)(DA)
(DG)(DA)(DG)(DC)(DT)(DG)(DT)(DC)(DT)(DA)(DC)(DG)(DA)(DC)(DC)(DA)(DA)(DT)(DT)(DG)
(DA)(DG)(DC)(DG)(DG)(DC)(DC)(DT)(DC)(DG)(DG)(DC)(DA)(DC)(DC)(DG)(DG)(DG)(DA)(DT)
(DT)(DC)(DT)(DC)(DC)(DA)(DG)(DG)(DG)(DG)(DA)(DT)(DC)(DG)(DG)(DG)(DC)(DA)(DT)(DC)
(DA)(DC)(DC)(DC)(DG)(DA)(DT)
;
K
7 'polypeptide(L)'
;VSDVQSMDSSLSRRGTGMSKKDTVCQICESSGDSLIPCEGECCKHFHLECLGLASLPDSKFICMECKTGQHPCFSCKVSG
KDVKRCSVGACGKFYHEACVRKFPTAIFESKGFRCPQHCCSACSMEKDIHKASKGRMMRCLRCPVAYHSGDACIAAGSML
VSSYILICSNHSKRSSNSSAVNVGFCFVCARGLIVQDHSDPMFSSYAYKSHYLLNESNRAELMKLPMIPSSSASKKKCEK
GGRLLCCESCPASFHPECLSIEMPEGCWNCNDCKAGKKLHYKQIVWVKLGNYRWWPAEICNPRSVPLNIQGLKHDLGDFP
VFFFGSHDYYWVHQGRVFPYVEGDKSFAEGQTSINKTFKKALEEAAKRFQELKAQRESKEALEIEKNSRKPPPYKHIKAN
KVIGKVQIQVADLSEIPRCNCKPADENPCGLESECLNRMLQYECHPQVCPAGDRCQNQCFTKRLYPDAEIIKTERRGWGL
RTKRSIKKGEFVNEYVGELIDEEECRLRIKRAHENSVTNFYMLTVTKDRIIDAGPKGNYSRFMNHSCNPNCETQKWTVNG
DVRVGLFALCDIPAGMELTFNYNLDCLGNGRTECHCGADNCSGFLGVRPKSACASTNEEKAKNAKLKQKRRKIKTEPKQM
HEDYCFQCGDGGELVMCDKKDCPKAYHLLCLNLTQPPYGKWECPWHQCDECSSAAVSFCEFCPHSFCKDHEKGALVPSAL
EGRLCCSEHDPMAPVSPEYWSKIKCKWESQDHGEEVKE
;
I
#
loop_
_chem_comp.id
_chem_comp.type
_chem_comp.name
_chem_comp.formula
DA DNA linking 2'-DEOXYADENOSINE-5'-MONOPHOSPHATE 'C10 H14 N5 O6 P'
DC DNA linking 2'-DEOXYCYTIDINE-5'-MONOPHOSPHATE 'C9 H14 N3 O7 P'
DG DNA linking 2'-DEOXYGUANOSINE-5'-MONOPHOSPHATE 'C10 H14 N5 O7 P'
DT DNA linking THYMIDINE-5'-MONOPHOSPHATE 'C10 H15 N2 O8 P'
SAM non-polymer S-ADENOSYLMETHIONINE 'C15 H22 N6 O5 S'
ZN non-polymer 'ZINC ION' 'Zn 2'
#
# COMPACT_ATOMS: atom_id res chain seq x y z
N THR A 32 -29.24 -16.80 -48.67
CA THR A 32 -29.83 -18.12 -48.47
C THR A 32 -29.10 -18.88 -47.36
N GLY A 33 -27.79 -18.71 -47.28
CA GLY A 33 -26.99 -19.37 -46.27
C GLY A 33 -26.64 -18.47 -45.10
N GLY A 34 -26.99 -18.89 -43.89
CA GLY A 34 -26.71 -18.10 -42.72
C GLY A 34 -26.27 -18.85 -41.48
N VAL A 35 -25.81 -18.11 -40.48
CA VAL A 35 -25.35 -18.67 -39.22
C VAL A 35 -26.23 -18.15 -38.07
N NLE A 36 -26.05 -18.70 -36.87
CA NLE A 36 -26.86 -18.30 -35.74
C NLE A 36 -25.97 -17.97 -34.58
O NLE A 36 -25.72 -18.83 -33.71
CB NLE A 36 -27.81 -19.44 -35.36
CG NLE A 36 -29.26 -19.04 -35.61
CD NLE A 36 -30.21 -20.05 -34.98
CE NLE A 36 -31.65 -19.69 -35.27
N LYS A 37 -25.48 -16.74 -34.54
CA LYS A 37 -24.60 -16.27 -33.47
C LYS A 37 -25.40 -15.82 -32.26
N PRO A 38 -24.93 -16.17 -31.05
CA PRO A 38 -25.59 -15.80 -29.80
C PRO A 38 -25.36 -14.33 -29.45
N HIS A 39 -26.15 -13.81 -28.51
CA HIS A 39 -26.02 -12.41 -28.11
C HIS A 39 -24.75 -12.14 -27.32
N ARG A 40 -24.07 -11.06 -27.66
CA ARG A 40 -22.82 -10.68 -26.99
C ARG A 40 -23.01 -10.35 -25.52
N TYR A 41 -21.98 -10.58 -24.73
CA TYR A 41 -22.02 -10.31 -23.30
C TYR A 41 -22.40 -8.88 -22.98
N ARG A 42 -23.20 -8.71 -21.92
CA ARG A 42 -23.59 -7.37 -21.48
C ARG A 42 -22.38 -6.62 -20.97
N PRO A 43 -22.28 -5.31 -21.25
CA PRO A 43 -21.10 -4.55 -20.79
C PRO A 43 -20.98 -4.57 -19.28
N GLY A 44 -19.82 -5.02 -18.78
CA GLY A 44 -19.60 -5.19 -17.36
C GLY A 44 -19.43 -6.63 -16.93
N THR A 45 -19.33 -7.56 -17.86
CA THR A 45 -19.17 -8.98 -17.52
C THR A 45 -17.72 -9.42 -17.75
N VAL A 46 -17.19 -9.14 -18.94
CA VAL A 46 -15.80 -9.48 -19.21
C VAL A 46 -14.85 -8.55 -18.49
N ALA A 47 -15.36 -7.55 -17.79
CA ALA A 47 -14.55 -6.68 -16.97
C ALA A 47 -14.58 -7.07 -15.51
N LEU A 48 -15.62 -7.76 -15.06
CA LEU A 48 -15.68 -8.31 -13.72
C LEU A 48 -15.11 -9.71 -13.64
N ARG A 49 -15.07 -10.43 -14.76
CA ARG A 49 -14.38 -11.71 -14.73
C ARG A 49 -12.89 -11.55 -14.55
N GLU A 50 -12.29 -10.55 -15.20
CA GLU A 50 -10.86 -10.33 -15.03
C GLU A 50 -10.52 -9.80 -13.65
N ILE A 51 -11.40 -9.01 -13.05
CA ILE A 51 -11.15 -8.52 -11.69
C ILE A 51 -11.03 -9.66 -10.71
N ARG A 52 -11.83 -10.71 -10.88
CA ARG A 52 -11.74 -11.85 -9.99
C ARG A 52 -10.70 -12.85 -10.44
N ARG A 53 -10.27 -12.80 -11.70
CA ARG A 53 -9.21 -13.70 -12.13
C ARG A 53 -7.83 -13.19 -11.72
N TYR A 54 -7.51 -11.95 -12.04
CA TYR A 54 -6.19 -11.42 -11.71
C TYR A 54 -6.00 -11.19 -10.22
N GLN A 55 -7.06 -11.10 -9.44
CA GLN A 55 -6.93 -11.00 -8.01
C GLN A 55 -6.74 -12.35 -7.35
N LYS A 56 -6.42 -13.38 -8.13
CA LYS A 56 -6.11 -14.69 -7.59
C LYS A 56 -4.78 -15.26 -8.06
N SER A 57 -4.26 -14.83 -9.19
CA SER A 57 -2.94 -15.26 -9.62
C SER A 57 -1.87 -14.45 -8.90
N THR A 58 -0.62 -14.73 -9.21
CA THR A 58 0.51 -14.05 -8.60
C THR A 58 1.60 -13.68 -9.59
N GLU A 59 1.35 -13.83 -10.89
CA GLU A 59 2.35 -13.58 -11.91
C GLU A 59 2.75 -12.10 -11.93
N LEU A 60 3.68 -11.78 -12.82
CA LEU A 60 3.99 -10.39 -13.14
C LEU A 60 3.29 -10.01 -14.44
N LEU A 61 2.94 -8.73 -14.57
CA LEU A 61 1.97 -8.30 -15.55
C LEU A 61 2.54 -7.34 -16.60
N ILE A 62 3.86 -7.17 -16.64
CA ILE A 62 4.49 -6.36 -17.68
C ILE A 62 5.51 -7.22 -18.40
N ARG A 63 5.63 -7.00 -19.70
CA ARG A 63 6.51 -7.81 -20.51
C ARG A 63 7.97 -7.54 -20.15
N LYS A 64 8.69 -8.62 -19.83
CA LYS A 64 10.00 -8.51 -19.21
C LYS A 64 11.01 -7.76 -20.07
N LEU A 65 11.13 -8.09 -21.35
CA LEU A 65 12.11 -7.40 -22.18
C LEU A 65 11.78 -5.93 -22.37
N PRO A 66 10.54 -5.53 -22.64
CA PRO A 66 10.25 -4.09 -22.71
C PRO A 66 10.44 -3.37 -21.40
N PHE A 67 10.24 -4.04 -20.26
CA PHE A 67 10.53 -3.38 -19.00
C PHE A 67 12.03 -3.28 -18.77
N GLN A 68 12.80 -4.22 -19.27
CA GLN A 68 14.23 -4.20 -19.07
C GLN A 68 14.94 -3.17 -19.93
N ARG A 69 14.48 -2.94 -21.15
CA ARG A 69 15.09 -1.86 -21.92
C ARG A 69 14.82 -0.49 -21.29
N LEU A 70 13.66 -0.33 -20.65
CA LEU A 70 13.34 0.95 -20.04
C LEU A 70 14.28 1.27 -18.88
N VAL A 71 14.54 0.29 -18.02
CA VAL A 71 15.47 0.51 -16.91
C VAL A 71 16.84 0.90 -17.44
N ARG A 72 17.40 0.12 -18.36
CA ARG A 72 18.71 0.44 -18.88
C ARG A 72 18.74 1.79 -19.59
N GLU A 73 17.62 2.28 -20.11
CA GLU A 73 17.61 3.64 -20.63
C GLU A 73 17.59 4.70 -19.54
N ILE A 74 16.82 4.47 -18.47
CA ILE A 74 16.72 5.47 -17.41
C ILE A 74 18.04 5.64 -16.70
N ALA A 75 18.71 4.54 -16.35
CA ALA A 75 19.98 4.59 -15.65
C ALA A 75 21.14 5.03 -16.52
N GLN A 76 20.91 5.31 -17.79
CA GLN A 76 21.95 5.83 -18.66
C GLN A 76 22.12 7.33 -18.54
N ASP A 77 21.43 7.95 -17.58
CA ASP A 77 21.55 9.38 -17.33
C ASP A 77 22.31 9.69 -16.06
N PHE A 78 22.73 8.69 -15.31
CA PHE A 78 23.46 8.90 -14.08
C PHE A 78 24.90 8.43 -14.15
N LYS A 79 25.14 7.27 -14.75
CA LYS A 79 26.50 6.83 -15.03
C LYS A 79 26.48 6.04 -16.32
N THR A 80 27.41 6.34 -17.22
CA THR A 80 27.41 5.71 -18.52
C THR A 80 28.10 4.36 -18.50
N ASP A 81 27.57 3.42 -19.28
CA ASP A 81 28.19 2.13 -19.55
C ASP A 81 28.37 1.33 -18.26
N LEU A 82 27.25 0.95 -17.67
CA LEU A 82 27.27 0.07 -16.50
C LEU A 82 26.35 -1.12 -16.75
N ARG A 83 26.44 -2.10 -15.87
CA ARG A 83 25.82 -3.39 -16.07
C ARG A 83 24.83 -3.70 -14.95
N PHE A 84 23.84 -4.51 -15.27
CA PHE A 84 22.80 -4.88 -14.32
C PHE A 84 22.86 -6.39 -14.10
N GLN A 85 22.52 -6.79 -12.89
CA GLN A 85 22.42 -8.21 -12.57
C GLN A 85 21.04 -8.74 -12.95
N SER A 86 20.98 -10.04 -13.24
CA SER A 86 19.74 -10.64 -13.70
C SER A 86 18.65 -10.55 -12.66
N SER A 87 19.00 -10.67 -11.38
CA SER A 87 18.03 -10.52 -10.32
C SER A 87 18.01 -9.11 -9.77
N ALA A 88 18.71 -8.18 -10.41
CA ALA A 88 18.54 -6.76 -10.11
C ALA A 88 17.55 -6.10 -11.04
N VAL A 89 17.48 -6.54 -12.29
CA VAL A 89 16.41 -6.06 -13.16
C VAL A 89 15.08 -6.70 -12.77
N NLE A 90 15.16 -7.80 -12.02
CA NLE A 90 13.96 -8.50 -11.60
C NLE A 90 13.42 -8.03 -10.28
O NLE A 90 12.37 -8.53 -9.84
CB NLE A 90 14.24 -9.99 -11.50
CG NLE A 90 12.98 -10.79 -11.83
CD NLE A 90 13.00 -11.25 -13.28
CE NLE A 90 13.83 -12.49 -13.44
N ALA A 91 14.13 -7.11 -9.62
CA ALA A 91 13.68 -6.58 -8.34
C ALA A 91 13.00 -5.23 -8.47
N LEU A 92 13.40 -4.43 -9.46
CA LEU A 92 12.67 -3.20 -9.73
C LEU A 92 11.27 -3.49 -10.25
N GLN A 93 11.11 -4.60 -10.97
CA GLN A 93 9.83 -4.94 -11.55
C GLN A 93 8.83 -5.45 -10.54
N GLU A 94 9.30 -6.04 -9.44
CA GLU A 94 8.35 -6.48 -8.41
C GLU A 94 8.03 -5.37 -7.44
N ALA A 95 8.71 -4.23 -7.53
CA ALA A 95 8.34 -3.07 -6.75
C ALA A 95 7.49 -2.09 -7.53
N SER A 96 7.77 -1.91 -8.82
CA SER A 96 6.94 -1.04 -9.65
C SER A 96 5.50 -1.55 -9.67
N GLU A 97 5.31 -2.84 -9.85
CA GLU A 97 3.96 -3.37 -9.91
C GLU A 97 3.25 -3.20 -8.58
N ALA A 98 3.93 -3.44 -7.46
CA ALA A 98 3.26 -3.29 -6.18
C ALA A 98 3.06 -1.83 -5.83
N TYR A 99 3.72 -0.92 -6.53
CA TYR A 99 3.42 0.50 -6.36
C TYR A 99 2.18 0.88 -7.13
N LEU A 100 2.11 0.47 -8.40
CA LEU A 100 0.96 0.85 -9.22
C LEU A 100 -0.31 0.17 -8.76
N VAL A 101 -0.25 -1.10 -8.37
CA VAL A 101 -1.44 -1.81 -7.94
C VAL A 101 -1.99 -1.21 -6.66
N GLY A 102 -1.13 -0.63 -5.83
CA GLY A 102 -1.60 0.00 -4.61
C GLY A 102 -1.99 1.46 -4.82
N LEU A 103 -1.56 2.07 -5.92
CA LEU A 103 -2.06 3.38 -6.29
C LEU A 103 -3.47 3.29 -6.88
N PHE A 104 -3.72 2.26 -7.69
CA PHE A 104 -5.02 2.08 -8.31
C PHE A 104 -6.07 1.60 -7.34
N GLU A 105 -5.70 1.20 -6.12
CA GLU A 105 -6.70 0.91 -5.11
C GLU A 105 -7.16 2.16 -4.40
N ASP A 106 -6.31 3.18 -4.33
CA ASP A 106 -6.70 4.42 -3.67
C ASP A 106 -7.26 5.42 -4.66
N THR A 107 -7.03 5.21 -5.96
CA THR A 107 -7.76 5.99 -6.96
C THR A 107 -9.23 5.58 -7.01
N ASN A 108 -9.49 4.29 -6.93
CA ASN A 108 -10.86 3.78 -7.01
C ASN A 108 -11.74 4.39 -5.93
N LEU A 109 -11.18 4.61 -4.74
CA LEU A 109 -11.98 5.16 -3.66
C LEU A 109 -12.35 6.61 -3.92
N CYS A 110 -11.45 7.40 -4.50
CA CYS A 110 -11.80 8.77 -4.87
C CYS A 110 -12.88 8.77 -5.94
N GLY A 111 -12.76 7.87 -6.92
CA GLY A 111 -13.79 7.81 -7.97
C GLY A 111 -15.15 7.45 -7.39
N ILE A 112 -15.21 6.46 -6.51
CA ILE A 112 -16.48 6.10 -5.89
C ILE A 112 -16.96 7.20 -4.97
N HIS A 113 -16.04 8.01 -4.43
CA HIS A 113 -16.45 9.15 -3.60
C HIS A 113 -17.17 10.19 -4.42
N ALA A 114 -16.66 10.51 -5.61
CA ALA A 114 -17.30 11.51 -6.45
C ALA A 114 -18.56 11.00 -7.13
N LYS A 115 -19.10 9.86 -6.70
CA LYS A 115 -20.29 9.24 -7.28
C LYS A 115 -20.11 8.94 -8.77
N ARG A 116 -19.16 8.05 -9.05
CA ARG A 116 -18.89 7.61 -10.41
C ARG A 116 -18.58 6.13 -10.38
N VAL A 117 -18.21 5.59 -11.55
CA VAL A 117 -17.72 4.23 -11.67
C VAL A 117 -16.38 4.28 -12.36
N THR A 118 -16.19 5.30 -13.20
CA THR A 118 -15.01 5.46 -14.02
C THR A 118 -13.96 6.27 -13.29
N ILE A 119 -12.71 5.81 -13.31
CA ILE A 119 -11.63 6.56 -12.67
C ILE A 119 -11.02 7.50 -13.71
N NLE A 120 -10.94 8.79 -13.38
CA NLE A 120 -10.42 9.78 -14.31
C NLE A 120 -9.03 10.23 -13.95
O NLE A 120 -8.54 9.90 -12.85
CB NLE A 120 -11.34 10.98 -14.29
CG NLE A 120 -12.17 11.06 -15.56
CD NLE A 120 -13.62 11.41 -15.26
CE NLE A 120 -14.55 10.69 -16.20
N PRO A 121 -8.39 10.99 -14.85
CA PRO A 121 -7.03 11.53 -14.72
C PRO A 121 -6.87 12.49 -13.55
N LYS A 122 -7.99 12.92 -12.97
CA LYS A 122 -7.99 13.82 -11.84
C LYS A 122 -8.25 13.12 -10.52
N ASP A 123 -8.35 11.80 -10.54
CA ASP A 123 -8.35 11.03 -9.29
C ASP A 123 -6.94 10.68 -8.85
N ILE A 124 -6.06 10.36 -9.80
CA ILE A 124 -4.68 10.03 -9.47
C ILE A 124 -3.99 11.20 -8.81
N GLN A 125 -4.25 12.41 -9.29
CA GLN A 125 -3.60 13.59 -8.71
C GLN A 125 -4.04 13.82 -7.28
N LEU A 126 -5.34 13.71 -7.00
CA LEU A 126 -5.78 13.85 -5.61
C LEU A 126 -5.23 12.74 -4.74
N ALA A 127 -5.20 11.52 -5.27
CA ALA A 127 -4.65 10.41 -4.49
C ALA A 127 -3.23 10.71 -4.07
N ARG A 128 -2.39 11.10 -5.02
CA ARG A 128 -0.99 11.35 -4.69
C ARG A 128 -0.84 12.54 -3.78
N ARG A 129 -1.63 13.58 -4.01
CA ARG A 129 -1.56 14.79 -3.20
C ARG A 129 -1.86 14.51 -1.74
N ILE A 130 -2.97 13.82 -1.49
CA ILE A 130 -3.37 13.51 -0.11
C ILE A 130 -2.37 12.54 0.50
N ARG A 131 -1.88 11.58 -0.28
CA ARG A 131 -0.96 10.58 0.24
C ARG A 131 0.35 11.21 0.67
N GLY A 132 0.88 12.13 -0.13
CA GLY A 132 2.05 12.88 0.29
C GLY A 132 3.08 13.14 -0.78
N GLU A 133 3.00 12.40 -1.90
CA GLU A 133 4.06 12.42 -2.91
C GLU A 133 4.12 13.70 -3.72
N ARG A 134 3.25 14.67 -3.45
CA ARG A 134 3.24 15.91 -4.22
C ARG A 134 2.73 17.08 -3.40
N LYS B 20 24.46 3.16 -29.89
CA LYS B 20 23.89 2.11 -29.05
C LYS B 20 22.90 2.70 -28.03
N VAL B 21 22.59 3.98 -28.19
CA VAL B 21 21.74 4.70 -27.27
C VAL B 21 20.32 4.17 -27.38
N LEU B 22 19.49 4.55 -26.40
CA LEU B 22 18.11 4.14 -26.34
C LEU B 22 17.21 5.37 -26.34
N ARG B 23 15.94 5.16 -26.66
CA ARG B 23 14.92 6.20 -26.60
C ARG B 23 13.57 5.54 -26.86
N ASP B 24 12.49 6.27 -26.53
CA ASP B 24 11.11 5.92 -26.86
C ASP B 24 10.64 4.66 -26.14
N ASN B 25 11.49 4.00 -25.37
CA ASN B 25 11.15 2.72 -24.77
C ASN B 25 10.10 2.83 -23.67
N ILE B 26 9.62 4.04 -23.37
CA ILE B 26 8.52 4.16 -22.43
C ILE B 26 7.23 3.63 -23.02
N GLN B 27 7.14 3.52 -24.35
CA GLN B 27 5.99 2.93 -25.01
C GLN B 27 5.96 1.42 -24.88
N GLY B 28 6.81 0.85 -24.04
CA GLY B 28 6.75 -0.56 -23.76
C GLY B 28 5.81 -0.92 -22.64
N ILE B 29 5.35 0.06 -21.89
CA ILE B 29 4.29 -0.14 -20.90
C ILE B 29 2.99 0.12 -21.66
N THR B 30 2.52 -0.90 -22.37
CA THR B 30 1.48 -0.72 -23.37
C THR B 30 0.12 -0.51 -22.69
N LYS B 31 -0.94 -0.49 -23.49
CA LYS B 31 -2.27 -0.19 -22.99
C LYS B 31 -2.90 -1.38 -22.28
N PRO B 32 -2.90 -2.58 -22.87
CA PRO B 32 -3.37 -3.74 -22.10
C PRO B 32 -2.52 -4.00 -20.88
N ALA B 33 -1.24 -3.65 -20.91
CA ALA B 33 -0.40 -3.85 -19.75
C ALA B 33 -0.81 -2.97 -18.60
N ILE B 34 -1.41 -1.81 -18.86
CA ILE B 34 -1.91 -0.98 -17.79
C ILE B 34 -3.30 -1.45 -17.37
N ARG B 35 -4.08 -1.96 -18.32
CA ARG B 35 -5.40 -2.46 -17.93
C ARG B 35 -5.28 -3.65 -16.99
N ARG B 36 -4.27 -4.50 -17.17
CA ARG B 36 -4.09 -5.61 -16.25
C ARG B 36 -3.79 -5.13 -14.85
N LEU B 37 -2.88 -4.17 -14.71
CA LEU B 37 -2.55 -3.62 -13.41
C LEU B 37 -3.75 -2.95 -12.78
N ALA B 38 -4.60 -2.32 -13.57
CA ALA B 38 -5.78 -1.70 -13.02
C ALA B 38 -6.79 -2.74 -12.55
N ARG B 39 -6.98 -3.79 -13.34
CA ARG B 39 -7.92 -4.84 -12.96
C ARG B 39 -7.50 -5.50 -11.66
N ARG B 40 -6.22 -5.74 -11.48
CA ARG B 40 -5.83 -6.26 -10.17
C ARG B 40 -6.09 -5.24 -9.07
N GLY B 41 -6.02 -3.96 -9.38
CA GLY B 41 -6.36 -2.95 -8.40
C GLY B 41 -7.80 -3.05 -7.97
N GLY B 42 -8.71 -3.17 -8.93
CA GLY B 42 -10.11 -3.35 -8.60
C GLY B 42 -11.07 -2.52 -9.40
N VAL B 43 -10.58 -1.79 -10.40
CA VAL B 43 -11.39 -0.82 -11.10
C VAL B 43 -12.17 -1.50 -12.21
N LYS B 44 -13.40 -1.05 -12.42
CA LYS B 44 -14.34 -1.64 -13.35
C LYS B 44 -14.37 -0.96 -14.70
N ARG B 45 -14.42 0.37 -14.73
CA ARG B 45 -14.31 1.12 -15.96
C ARG B 45 -13.08 2.01 -15.87
N ILE B 46 -12.57 2.42 -17.02
CA ILE B 46 -11.30 3.12 -17.08
C ILE B 46 -11.37 4.17 -18.18
N SER B 47 -11.03 5.41 -17.84
CA SER B 47 -11.03 6.49 -18.82
C SER B 47 -9.97 6.26 -19.88
N GLY B 48 -9.85 7.18 -20.82
CA GLY B 48 -8.92 7.03 -21.92
C GLY B 48 -7.66 7.86 -21.80
N LEU B 49 -7.60 8.79 -20.86
CA LEU B 49 -6.41 9.58 -20.62
C LEU B 49 -5.60 9.07 -19.44
N ILE B 50 -6.00 7.96 -18.83
CA ILE B 50 -5.19 7.38 -17.79
C ILE B 50 -3.91 6.80 -18.36
N TYR B 51 -3.92 6.44 -19.64
CA TYR B 51 -2.80 5.69 -20.20
C TYR B 51 -1.58 6.59 -20.42
N GLU B 52 -1.79 7.89 -20.54
CA GLU B 52 -0.65 8.80 -20.65
C GLU B 52 -0.28 9.43 -19.32
N GLU B 53 -1.08 9.21 -18.29
CA GLU B 53 -0.77 9.72 -16.96
C GLU B 53 -0.07 8.67 -16.10
N THR B 54 -0.41 7.40 -16.27
CA THR B 54 0.27 6.33 -15.56
C THR B 54 1.74 6.20 -15.98
N ARG B 55 2.03 6.31 -17.28
CA ARG B 55 3.42 6.31 -17.72
C ARG B 55 4.20 7.48 -17.15
N GLY B 56 3.52 8.48 -16.61
CA GLY B 56 4.20 9.62 -16.05
C GLY B 56 4.41 9.49 -14.57
N VAL B 57 3.60 8.67 -13.91
CA VAL B 57 3.84 8.34 -12.52
C VAL B 57 4.90 7.26 -12.41
N LEU B 58 4.94 6.35 -13.36
CA LEU B 58 5.95 5.29 -13.31
C LEU B 58 7.35 5.83 -13.55
N LYS B 59 7.54 6.70 -14.54
CA LYS B 59 8.87 7.16 -14.90
C LYS B 59 9.51 8.06 -13.86
N VAL B 60 8.77 8.47 -12.83
CA VAL B 60 9.37 9.22 -11.73
C VAL B 60 9.48 8.41 -10.47
N PHE B 61 8.91 7.21 -10.43
CA PHE B 61 9.22 6.30 -9.34
C PHE B 61 10.51 5.55 -9.62
N LEU B 62 10.81 5.31 -10.89
CA LEU B 62 12.02 4.56 -11.21
C LEU B 62 13.26 5.41 -11.07
N GLU B 63 13.17 6.71 -11.36
CA GLU B 63 14.36 7.53 -11.26
C GLU B 63 14.84 7.68 -9.83
N ASN B 64 13.93 7.89 -8.89
CA ASN B 64 14.33 8.10 -7.50
C ASN B 64 14.92 6.84 -6.89
N VAL B 65 14.72 5.68 -7.51
CA VAL B 65 15.28 4.45 -6.99
C VAL B 65 16.57 4.09 -7.70
N ILE B 66 16.62 4.29 -9.01
CA ILE B 66 17.85 3.97 -9.72
C ILE B 66 18.94 4.98 -9.38
N ARG B 67 18.57 6.20 -9.01
CA ARG B 67 19.58 7.14 -8.56
C ARG B 67 20.31 6.62 -7.34
N ASP B 68 19.57 6.14 -6.34
CA ASP B 68 20.19 5.66 -5.12
C ASP B 68 20.89 4.33 -5.33
N ALA B 69 20.37 3.50 -6.23
CA ALA B 69 21.10 2.26 -6.56
C ALA B 69 22.45 2.57 -7.18
N VAL B 70 22.49 3.50 -8.13
CA VAL B 70 23.76 3.84 -8.76
C VAL B 70 24.69 4.52 -7.78
N THR B 71 24.17 5.28 -6.82
CA THR B 71 25.05 5.88 -5.82
C THR B 71 25.64 4.81 -4.90
N TYR B 72 24.80 3.93 -4.38
CA TYR B 72 25.29 2.82 -3.57
C TYR B 72 26.33 2.01 -4.31
N THR B 73 26.19 1.89 -5.63
CA THR B 73 27.18 1.17 -6.42
C THR B 73 28.48 1.94 -6.50
N GLU B 74 28.44 3.18 -6.99
CA GLU B 74 29.65 3.97 -7.11
C GLU B 74 30.40 4.09 -5.80
N HIS B 75 29.73 4.00 -4.66
CA HIS B 75 30.47 4.09 -3.41
C HIS B 75 31.35 2.86 -3.19
N ALA B 76 31.04 1.75 -3.84
CA ALA B 76 31.82 0.53 -3.68
C ALA B 76 32.75 0.28 -4.86
N LYS B 77 32.96 1.27 -5.72
CA LYS B 77 33.88 1.18 -6.84
C LYS B 77 33.59 -0.03 -7.73
N ARG B 78 32.32 -0.34 -7.94
CA ARG B 78 31.93 -1.43 -8.81
C ARG B 78 31.40 -0.88 -10.13
N LYS B 79 31.09 -1.79 -11.05
CA LYS B 79 30.48 -1.43 -12.32
C LYS B 79 29.25 -2.25 -12.62
N THR B 80 28.58 -2.78 -11.61
CA THR B 80 27.40 -3.62 -11.78
C THR B 80 26.41 -3.36 -10.67
N VAL B 81 25.20 -2.99 -11.04
CA VAL B 81 24.17 -2.66 -10.06
C VAL B 81 23.61 -3.97 -9.53
N THR B 82 24.19 -4.46 -8.45
CA THR B 82 23.86 -5.78 -7.95
C THR B 82 22.46 -5.75 -7.36
N ALA B 83 22.02 -6.87 -6.79
CA ALA B 83 20.65 -7.01 -6.34
C ALA B 83 20.41 -6.51 -4.93
N MET B 84 21.46 -6.17 -4.19
CA MET B 84 21.28 -5.58 -2.87
C MET B 84 21.28 -4.07 -2.90
N ASP B 85 21.92 -3.47 -3.90
CA ASP B 85 21.78 -2.03 -4.10
C ASP B 85 20.32 -1.64 -4.21
N VAL B 86 19.55 -2.42 -4.98
CA VAL B 86 18.14 -2.08 -5.16
C VAL B 86 17.37 -2.28 -3.87
N VAL B 87 17.71 -3.31 -3.09
CA VAL B 87 16.97 -3.53 -1.85
C VAL B 87 17.24 -2.42 -0.85
N TYR B 88 18.49 -1.97 -0.74
CA TYR B 88 18.78 -0.87 0.17
C TYR B 88 18.18 0.44 -0.32
N ALA B 89 18.20 0.68 -1.63
CA ALA B 89 17.58 1.89 -2.14
C ALA B 89 16.08 1.89 -1.94
N LEU B 90 15.46 0.73 -1.92
CA LEU B 90 14.02 0.68 -1.64
C LEU B 90 13.75 0.76 -0.15
N LYS B 91 14.69 0.31 0.69
CA LYS B 91 14.52 0.45 2.12
C LYS B 91 14.70 1.89 2.56
N ARG B 92 15.48 2.66 1.82
CA ARG B 92 15.71 4.06 2.19
C ARG B 92 14.44 4.90 2.07
N GLN B 93 13.40 4.40 1.40
CA GLN B 93 12.17 5.15 1.22
C GLN B 93 10.97 4.49 1.86
N GLY B 94 11.17 3.63 2.86
CA GLY B 94 10.08 2.99 3.53
C GLY B 94 9.27 2.09 2.63
N ARG B 95 9.93 1.31 1.79
CA ARG B 95 9.27 0.36 0.91
C ARG B 95 10.00 -0.97 0.91
N THR B 96 10.28 -1.47 2.11
CA THR B 96 11.06 -2.69 2.26
C THR B 96 10.54 -3.80 1.36
N LEU B 97 11.45 -4.63 0.85
CA LEU B 97 11.09 -5.66 -0.12
C LEU B 97 11.70 -6.98 0.33
N TYR B 98 10.84 -7.94 0.69
CA TYR B 98 11.29 -9.23 1.19
C TYR B 98 11.44 -10.21 0.04
N GLY B 99 12.52 -10.97 0.04
CA GLY B 99 12.68 -12.06 -0.88
C GLY B 99 13.83 -11.96 -1.84
N PHE B 100 14.80 -11.07 -1.61
CA PHE B 100 15.96 -10.98 -2.48
C PHE B 100 17.27 -10.86 -1.71
N GLY B 101 17.23 -10.80 -0.38
CA GLY B 101 18.43 -10.67 0.39
C GLY B 101 18.20 -10.51 1.87
N THR C 10 54.99 21.39 23.84
CA THR C 10 54.11 22.39 23.25
C THR C 10 54.86 23.67 22.95
N ARG C 11 56.00 23.54 22.29
CA ARG C 11 56.76 24.71 21.87
C ARG C 11 55.91 25.64 21.01
N ALA C 12 55.11 25.04 20.14
CA ALA C 12 54.24 25.80 19.26
C ALA C 12 53.01 26.29 20.02
N LYS C 13 52.40 27.35 19.51
CA LYS C 13 51.24 27.93 20.19
C LYS C 13 49.98 27.21 19.72
N ALA C 14 48.98 27.17 20.59
CA ALA C 14 47.75 26.43 20.30
C ALA C 14 47.04 27.04 19.10
N LYS C 15 46.55 26.19 18.21
CA LYS C 15 45.82 26.62 17.03
C LYS C 15 44.63 25.69 16.84
N THR C 16 43.42 26.21 17.01
CA THR C 16 42.23 25.37 16.95
C THR C 16 42.11 24.69 15.60
N ARG C 17 41.51 23.50 15.59
CA ARG C 17 41.38 22.75 14.35
C ARG C 17 40.27 23.27 13.46
N SER C 18 39.47 24.22 13.92
CA SER C 18 38.48 24.84 13.07
C SER C 18 39.03 26.03 12.30
N SER C 19 40.11 26.64 12.77
CA SER C 19 40.75 27.72 12.02
C SER C 19 41.63 27.22 10.91
N ARG C 20 42.21 26.02 11.06
CA ARG C 20 42.94 25.42 9.97
C ARG C 20 42.05 25.21 8.75
N ALA C 21 40.73 25.14 8.93
CA ALA C 21 39.81 24.92 7.84
C ALA C 21 39.05 26.16 7.43
N GLY C 22 39.02 27.19 8.27
CA GLY C 22 38.32 28.42 7.92
C GLY C 22 36.84 28.33 8.18
N LEU C 23 36.47 27.59 9.21
CA LEU C 23 35.08 27.35 9.54
C LEU C 23 34.74 28.05 10.85
N GLN C 24 33.47 27.94 11.24
CA GLN C 24 32.97 28.50 12.48
C GLN C 24 32.33 27.47 13.40
N PHE C 25 32.06 26.26 12.91
CA PHE C 25 31.53 25.20 13.74
C PHE C 25 32.66 24.37 14.32
N PRO C 26 32.51 23.85 15.53
CA PRO C 26 33.64 23.23 16.24
C PRO C 26 33.97 21.85 15.71
N VAL C 27 35.07 21.78 14.94
CA VAL C 27 35.57 20.49 14.50
C VAL C 27 36.06 19.68 15.69
N GLY C 28 36.44 20.35 16.76
CA GLY C 28 36.87 19.61 17.94
C GLY C 28 35.76 18.91 18.67
N ARG C 29 34.55 19.44 18.61
CA ARG C 29 33.40 18.83 19.28
C ARG C 29 32.64 17.89 18.37
N VAL C 30 32.58 18.17 17.07
CA VAL C 30 31.99 17.22 16.15
C VAL C 30 32.71 15.88 16.22
N HIS C 31 34.05 15.89 16.24
CA HIS C 31 34.81 14.65 16.30
C HIS C 31 34.48 13.85 17.54
N ARG C 32 34.39 14.51 18.69
CA ARG C 32 34.09 13.78 19.92
C ARG C 32 32.68 13.22 19.89
N LEU C 33 31.71 13.99 19.40
CA LEU C 33 30.35 13.47 19.34
C LEU C 33 30.26 12.31 18.36
N LEU C 34 31.10 12.30 17.34
CA LEU C 34 31.14 11.16 16.42
C LEU C 34 31.70 9.92 17.11
N ARG C 35 32.86 10.07 17.74
CA ARG C 35 33.54 8.96 18.42
C ARG C 35 32.78 8.34 19.57
N LYS C 36 32.21 9.18 20.43
CA LYS C 36 31.47 8.68 21.59
C LYS C 36 29.97 8.57 21.35
N GLY C 37 29.58 8.24 20.13
CA GLY C 37 28.19 8.12 19.77
C GLY C 37 27.88 6.75 19.22
N ASN C 38 28.85 5.84 19.32
CA ASN C 38 28.68 4.47 18.84
C ASN C 38 28.16 4.42 17.41
N TYR C 39 28.90 5.09 16.52
CA TYR C 39 28.60 5.02 15.10
C TYR C 39 29.52 4.09 14.34
N ALA C 40 30.72 3.84 14.84
CA ALA C 40 31.63 2.86 14.26
C ALA C 40 32.82 2.72 15.20
N GLU C 41 33.74 1.83 14.83
CA GLU C 41 34.88 1.53 15.68
C GLU C 41 35.98 2.59 15.56
N ARG C 42 36.48 2.81 14.35
CA ARG C 42 37.49 3.82 14.09
C ARG C 42 36.88 4.95 13.29
N VAL C 43 37.21 6.18 13.68
CA VAL C 43 36.69 7.37 13.05
C VAL C 43 37.84 8.09 12.37
N GLY C 44 37.73 8.32 11.06
CA GLY C 44 38.79 8.93 10.29
C GLY C 44 39.14 10.32 10.79
N ALA C 45 40.14 10.94 10.16
CA ALA C 45 40.63 12.24 10.61
C ALA C 45 40.14 13.39 9.75
N GLY C 46 39.68 13.12 8.53
CA GLY C 46 39.11 14.15 7.70
C GLY C 46 37.61 14.08 7.64
N ALA C 47 37.01 13.33 8.55
CA ALA C 47 35.56 13.22 8.60
C ALA C 47 34.90 14.39 9.30
N PRO C 48 35.37 14.84 10.48
CA PRO C 48 34.72 15.99 11.11
C PRO C 48 34.92 17.27 10.33
N VAL C 49 36.07 17.43 9.68
CA VAL C 49 36.31 18.60 8.86
C VAL C 49 35.34 18.65 7.69
N TYR C 50 34.85 17.51 7.24
CA TYR C 50 33.86 17.50 6.17
C TYR C 50 32.44 17.67 6.70
N LEU C 51 32.13 17.06 7.84
CA LEU C 51 30.79 17.19 8.38
C LEU C 51 30.49 18.58 8.90
N ALA C 52 31.45 19.24 9.53
CA ALA C 52 31.20 20.58 10.04
C ALA C 52 31.00 21.56 8.90
N ALA C 53 31.73 21.40 7.81
CA ALA C 53 31.57 22.30 6.67
C ALA C 53 30.17 22.22 6.08
N VAL C 54 29.50 21.08 6.19
CA VAL C 54 28.14 20.94 5.70
C VAL C 54 27.14 21.46 6.72
N LEU C 55 27.34 21.14 7.99
CA LEU C 55 26.48 21.70 9.03
C LEU C 55 26.49 23.22 9.00
N GLU C 56 27.62 23.82 8.69
CA GLU C 56 27.69 25.28 8.69
C GLU C 56 27.08 25.86 7.43
N TYR C 57 27.08 25.13 6.32
CA TYR C 57 26.46 25.64 5.11
C TYR C 57 24.95 25.51 5.19
N LEU C 58 24.45 24.47 5.85
CA LEU C 58 22.99 24.33 5.94
C LEU C 58 22.37 25.38 6.84
N THR C 59 23.03 25.76 7.94
CA THR C 59 22.51 26.79 8.81
C THR C 59 22.80 28.19 8.30
N ALA C 60 23.43 28.33 7.14
CA ALA C 60 23.59 29.62 6.49
C ALA C 60 22.77 29.74 5.22
N GLU C 61 21.78 28.86 5.04
CA GLU C 61 20.77 29.00 4.01
C GLU C 61 19.38 29.13 4.57
N ILE C 62 19.14 28.61 5.78
CA ILE C 62 17.86 28.84 6.43
C ILE C 62 17.86 30.16 7.19
N LEU C 63 19.00 30.82 7.30
CA LEU C 63 19.05 32.12 7.96
C LEU C 63 19.09 33.27 6.96
N GLU C 64 19.73 33.09 5.81
CA GLU C 64 19.67 34.11 4.77
C GLU C 64 18.26 34.32 4.24
N LEU C 65 17.38 33.33 4.37
CA LEU C 65 15.99 33.47 3.99
C LEU C 65 15.13 33.97 5.14
N ALA C 66 15.45 33.57 6.37
CA ALA C 66 14.71 34.10 7.51
C ALA C 66 14.96 35.59 7.70
N GLY C 67 16.19 36.05 7.45
CA GLY C 67 16.44 37.47 7.50
C GLY C 67 15.60 38.25 6.51
N ASN C 68 15.47 37.74 5.28
CA ASN C 68 14.66 38.44 4.28
C ASN C 68 13.19 38.39 4.62
N ALA C 69 12.72 37.26 5.17
CA ALA C 69 11.32 37.20 5.58
C ALA C 69 11.04 38.13 6.75
N ALA C 70 12.03 38.37 7.61
CA ALA C 70 11.79 39.20 8.77
C ALA C 70 11.94 40.68 8.47
N ARG C 71 12.46 41.02 7.28
CA ARG C 71 12.59 42.43 6.94
C ARG C 71 11.40 42.95 6.14
N ASP C 72 10.48 42.08 5.75
CA ASP C 72 9.25 42.51 5.11
C ASP C 72 8.15 42.84 6.10
N ASN C 73 8.25 42.35 7.33
CA ASN C 73 7.40 42.78 8.42
C ASN C 73 8.00 43.96 9.16
N LYS C 74 9.11 44.51 8.65
CA LYS C 74 9.77 45.66 9.26
C LYS C 74 10.13 45.38 10.71
N LYS C 75 10.89 44.32 10.92
CA LYS C 75 11.38 43.94 12.24
C LYS C 75 12.87 43.69 12.19
N THR C 76 13.48 43.64 13.36
CA THR C 76 14.92 43.43 13.47
C THR C 76 15.29 42.08 14.07
N ARG C 77 14.46 41.52 14.93
CA ARG C 77 14.72 40.22 15.52
C ARG C 77 14.08 39.13 14.67
N ILE C 78 14.37 37.89 15.02
CA ILE C 78 13.83 36.73 14.31
C ILE C 78 13.05 35.89 15.29
N ILE C 79 11.84 35.52 14.89
CA ILE C 79 10.93 34.76 15.75
C ILE C 79 10.52 33.50 14.99
N PRO C 80 9.94 32.50 15.64
CA PRO C 80 9.65 31.24 14.94
C PRO C 80 8.83 31.41 13.68
N ARG C 81 7.89 32.36 13.63
CA ARG C 81 7.08 32.53 12.43
C ARG C 81 7.93 32.77 11.20
N HIS C 82 9.02 33.51 11.34
CA HIS C 82 9.88 33.79 10.19
C HIS C 82 10.58 32.52 9.71
N LEU C 83 10.88 31.59 10.61
CA LEU C 83 11.48 30.33 10.18
C LEU C 83 10.49 29.46 9.43
N GLN C 84 9.24 29.39 9.87
CA GLN C 84 8.24 28.65 9.10
C GLN C 84 8.05 29.29 7.73
N LEU C 85 8.07 30.61 7.66
CA LEU C 85 7.93 31.27 6.36
C LEU C 85 9.14 31.01 5.47
N ALA C 86 10.34 30.99 6.04
CA ALA C 86 11.53 30.81 5.23
C ALA C 86 11.80 29.36 4.90
N VAL C 87 10.98 28.48 5.45
CA VAL C 87 11.12 27.05 5.17
C VAL C 87 10.04 26.57 4.21
N ARG C 88 8.79 26.96 4.42
CA ARG C 88 7.71 26.51 3.54
C ARG C 88 7.61 27.31 2.26
N ASN C 89 8.49 28.30 2.03
CA ASN C 89 8.49 29.05 0.79
C ASN C 89 9.67 28.71 -0.11
N ASP C 90 10.55 27.80 0.33
CA ASP C 90 11.67 27.33 -0.46
C ASP C 90 11.51 25.84 -0.71
N GLU C 91 11.57 25.43 -1.96
CA GLU C 91 11.16 24.10 -2.39
C GLU C 91 12.15 23.00 -2.04
N GLU C 92 13.38 23.34 -1.70
CA GLU C 92 14.35 22.35 -1.29
C GLU C 92 14.31 22.10 0.21
N LEU C 93 14.25 23.17 1.01
CA LEU C 93 14.10 22.99 2.44
C LEU C 93 12.72 22.45 2.79
N ASN C 94 11.71 22.74 1.97
CA ASN C 94 10.41 22.15 2.23
C ASN C 94 10.39 20.65 1.96
N LYS C 95 11.33 20.15 1.17
CA LYS C 95 11.43 18.73 0.94
C LYS C 95 12.37 18.05 1.92
N LEU C 96 13.38 18.76 2.40
CA LEU C 96 14.23 18.23 3.45
C LEU C 96 13.51 18.16 4.80
N LEU C 97 12.94 19.28 5.23
CA LEU C 97 12.13 19.36 6.45
C LEU C 97 10.65 19.20 6.14
N GLY C 98 10.30 18.06 5.56
CA GLY C 98 8.92 17.80 5.20
C GLY C 98 8.06 17.42 6.39
N ARG C 99 8.44 16.33 7.06
CA ARG C 99 7.68 15.86 8.20
C ARG C 99 8.19 16.43 9.52
N VAL C 100 8.29 17.76 9.60
CA VAL C 100 8.77 18.39 10.83
C VAL C 100 7.84 19.55 11.18
N THR C 101 7.43 19.60 12.44
CA THR C 101 6.61 20.67 12.97
C THR C 101 7.49 21.70 13.65
N ILE C 102 7.20 22.98 13.46
CA ILE C 102 7.93 24.06 14.11
C ILE C 102 6.98 24.73 15.08
N ALA C 103 7.24 24.58 16.37
CA ALA C 103 6.36 25.13 17.39
C ALA C 103 6.22 26.63 17.22
N GLN C 104 5.00 27.13 17.38
CA GLN C 104 4.67 28.54 17.19
C GLN C 104 4.94 28.98 15.75
N GLY C 105 4.47 28.19 14.80
CA GLY C 105 4.78 28.45 13.41
C GLY C 105 3.65 28.99 12.57
N GLY C 106 2.42 28.65 12.91
CA GLY C 106 1.29 29.05 12.08
C GLY C 106 1.24 28.22 10.81
N VAL C 107 0.55 28.77 9.81
CA VAL C 107 0.44 28.16 8.50
C VAL C 107 0.63 29.22 7.44
N LEU C 108 0.75 28.78 6.20
CA LEU C 108 0.95 29.67 5.05
C LEU C 108 -0.37 30.26 4.60
N PRO C 109 -0.43 31.58 4.38
CA PRO C 109 -1.64 32.19 3.82
C PRO C 109 -2.00 31.54 2.49
N ASN C 110 -3.12 30.83 2.48
CA ASN C 110 -3.57 30.16 1.26
C ASN C 110 -5.05 29.85 1.38
N ILE C 111 -5.82 30.31 0.40
CA ILE C 111 -7.26 30.15 0.39
C ILE C 111 -7.67 29.71 -1.01
N GLN C 112 -8.41 28.60 -1.09
CA GLN C 112 -8.70 27.96 -2.36
C GLN C 112 -9.37 28.94 -3.32
N SER C 113 -9.25 28.64 -4.62
CA SER C 113 -9.81 29.50 -5.65
C SER C 113 -11.26 29.23 -6.00
N VAL C 114 -11.84 28.18 -5.42
CA VAL C 114 -13.24 27.88 -5.73
C VAL C 114 -14.19 28.56 -4.76
N LEU C 115 -13.75 28.85 -3.55
CA LEU C 115 -14.63 29.45 -2.55
C LEU C 115 -14.78 30.96 -2.70
N LEU C 116 -13.98 31.58 -3.54
CA LEU C 116 -13.99 33.04 -3.64
C LEU C 116 -15.32 33.54 -4.21
N PRO C 117 -15.74 34.73 -3.80
CA PRO C 117 -16.98 35.29 -4.33
C PRO C 117 -16.83 35.66 -5.79
N LYS C 118 -17.93 36.08 -6.41
CA LYS C 118 -17.91 36.48 -7.81
C LYS C 118 -18.57 37.84 -7.99
N ARG D 27 26.84 21.32 40.72
CA ARG D 27 25.50 21.84 40.54
C ARG D 27 25.39 22.61 39.23
N LYS D 28 24.20 22.60 38.64
CA LYS D 28 23.88 23.31 37.40
C LYS D 28 25.05 23.23 36.42
N THR D 29 25.48 21.99 36.17
CA THR D 29 26.80 21.74 35.64
C THR D 29 27.03 22.39 34.28
N ARG D 30 26.32 21.95 33.26
CA ARG D 30 26.43 22.47 31.91
C ARG D 30 25.31 21.88 31.09
N LYS D 31 25.24 22.35 29.86
CA LYS D 31 24.27 21.93 28.88
C LYS D 31 24.83 22.60 27.66
N GLU D 32 25.70 21.89 26.94
CA GLU D 32 26.30 22.51 25.77
C GLU D 32 25.30 22.60 24.63
N SER D 33 25.57 23.50 23.71
CA SER D 33 24.69 23.73 22.57
C SER D 33 25.47 24.51 21.51
N TYR D 34 24.88 24.65 20.33
CA TYR D 34 25.51 25.36 19.22
C TYR D 34 25.13 26.82 19.17
N ALA D 35 24.73 27.40 20.31
CA ALA D 35 24.20 28.76 20.30
C ALA D 35 25.25 29.76 19.82
N ILE D 36 26.44 29.73 20.42
CA ILE D 36 27.42 30.77 20.12
C ILE D 36 28.09 30.58 18.77
N TYR D 37 27.77 29.50 18.06
CA TYR D 37 28.23 29.37 16.69
C TYR D 37 27.15 29.76 15.69
N VAL D 38 25.90 29.42 15.97
CA VAL D 38 24.83 29.92 15.12
C VAL D 38 24.80 31.43 15.15
N TYR D 39 25.02 32.01 16.33
CA TYR D 39 25.09 33.46 16.42
C TYR D 39 26.24 34.05 15.62
N LYS D 40 27.39 33.39 15.59
CA LYS D 40 28.50 33.85 14.77
C LYS D 40 28.17 33.77 13.29
N VAL D 41 27.46 32.73 12.87
CA VAL D 41 27.11 32.61 11.45
C VAL D 41 26.07 33.65 11.06
N LEU D 42 25.23 34.07 12.00
CA LEU D 42 24.20 35.06 11.70
C LEU D 42 24.82 36.42 11.35
N LYS D 43 25.84 36.81 12.09
CA LYS D 43 26.50 38.10 11.91
C LYS D 43 27.40 38.13 10.69
N GLN D 44 27.29 37.15 9.81
CA GLN D 44 27.98 37.19 8.52
C GLN D 44 27.04 37.43 7.36
N VAL D 45 25.77 37.06 7.49
CA VAL D 45 24.81 37.21 6.40
C VAL D 45 23.89 38.39 6.69
N HIS D 46 23.75 38.75 7.96
CA HIS D 46 22.89 39.88 8.33
C HIS D 46 23.46 40.58 9.56
N PRO D 47 24.43 41.47 9.36
CA PRO D 47 25.14 42.04 10.52
C PRO D 47 24.23 42.73 11.51
N ASP D 48 23.22 43.44 11.03
CA ASP D 48 22.28 44.16 11.89
C ASP D 48 21.00 43.35 12.09
N THR D 49 21.13 42.26 12.85
CA THR D 49 19.99 41.38 13.10
C THR D 49 20.21 40.63 14.39
N GLY D 50 19.12 40.41 15.12
CA GLY D 50 19.18 39.66 16.36
C GLY D 50 18.45 38.34 16.22
N ILE D 51 18.15 37.68 17.34
CA ILE D 51 17.43 36.42 17.32
C ILE D 51 16.85 36.18 18.70
N SER D 52 15.60 35.72 18.72
CA SER D 52 14.90 35.48 19.97
C SER D 52 15.29 34.13 20.56
N SER D 53 15.06 34.00 21.86
CA SER D 53 15.40 32.78 22.57
C SER D 53 14.75 31.57 21.93
N LYS D 54 13.45 31.65 21.70
CA LYS D 54 12.73 30.55 21.09
C LYS D 54 13.35 30.17 19.75
N ALA D 55 13.62 31.16 18.91
CA ALA D 55 14.23 30.90 17.62
C ALA D 55 15.54 30.15 17.79
N MET D 56 16.34 30.58 18.77
CA MET D 56 17.60 29.92 19.04
C MET D 56 17.38 28.46 19.39
N SER D 57 16.38 28.19 20.22
CA SER D 57 16.06 26.83 20.65
C SER D 57 15.40 26.01 19.56
N ILE D 58 15.19 26.59 18.38
CA ILE D 58 14.78 25.85 17.20
C ILE D 58 15.98 25.54 16.31
N MET D 59 16.84 26.52 16.10
CA MET D 59 18.04 26.26 15.31
C MET D 59 18.92 25.21 15.98
N ASN D 60 18.98 25.23 17.31
CA ASN D 60 19.74 24.22 18.03
C ASN D 60 19.25 22.81 17.70
N SER D 61 17.94 22.60 17.75
CA SER D 61 17.39 21.28 17.47
C SER D 61 17.54 20.92 16.01
N PHE D 62 17.45 21.90 15.12
CA PHE D 62 17.68 21.64 13.71
C PHE D 62 19.06 21.04 13.49
N VAL D 63 20.08 21.62 14.13
CA VAL D 63 21.43 21.11 13.94
C VAL D 63 21.59 19.74 14.61
N ASN D 64 21.12 19.60 15.86
CA ASN D 64 21.19 18.30 16.52
C ASN D 64 20.42 17.23 15.77
N ASP D 65 19.53 17.61 14.87
CA ASP D 65 18.76 16.61 14.16
C ASP D 65 19.39 16.26 12.83
N VAL D 66 19.95 17.24 12.13
CA VAL D 66 20.64 16.91 10.88
C VAL D 66 21.92 16.14 11.15
N PHE D 67 22.57 16.39 12.30
CA PHE D 67 23.83 15.71 12.58
C PHE D 67 23.63 14.20 12.65
N GLU D 68 22.70 13.74 13.48
CA GLU D 68 22.45 12.32 13.64
C GLU D 68 21.53 11.77 12.58
N ARG D 69 21.20 12.55 11.57
CA ARG D 69 20.57 12.01 10.38
C ARG D 69 21.60 11.78 9.28
N ILE D 70 22.72 12.50 9.34
CA ILE D 70 23.80 12.21 8.41
C ILE D 70 24.70 11.11 8.94
N ALA D 71 25.10 11.18 10.21
CA ALA D 71 26.04 10.18 10.73
C ALA D 71 25.43 8.79 10.77
N GLY D 72 24.13 8.72 11.03
CA GLY D 72 23.43 7.45 11.01
C GLY D 72 23.31 6.82 9.65
N GLU D 73 23.78 7.47 8.60
CA GLU D 73 23.90 6.87 7.29
C GLU D 73 25.32 6.46 6.94
N ALA D 74 26.31 7.25 7.36
CA ALA D 74 27.69 6.82 7.24
C ALA D 74 27.93 5.53 7.98
N SER D 75 27.29 5.37 9.15
CA SER D 75 27.41 4.12 9.89
C SER D 75 26.93 2.93 9.05
N ARG D 76 25.72 3.03 8.50
CA ARG D 76 25.18 1.90 7.76
C ARG D 76 25.97 1.65 6.48
N LEU D 77 26.51 2.69 5.85
CA LEU D 77 27.34 2.47 4.67
C LEU D 77 28.60 1.68 5.03
N ALA D 78 29.31 2.14 6.05
CA ALA D 78 30.53 1.44 6.46
C ALA D 78 30.22 0.02 6.86
N HIS D 79 29.01 -0.24 7.36
CA HIS D 79 28.68 -1.60 7.79
C HIS D 79 28.24 -2.47 6.62
N TYR D 80 27.66 -1.87 5.58
CA TYR D 80 27.30 -2.63 4.39
C TYR D 80 28.53 -3.05 3.62
N ASN D 81 29.56 -2.21 3.60
CA ASN D 81 30.76 -2.59 2.85
C ASN D 81 31.79 -3.35 3.68
N LYS D 82 31.42 -3.81 4.87
CA LYS D 82 32.32 -4.55 5.75
C LYS D 82 33.62 -3.76 5.98
N ARG D 83 33.46 -2.59 6.57
CA ARG D 83 34.57 -1.71 6.89
C ARG D 83 34.49 -1.34 8.36
N SER D 84 35.42 -0.49 8.80
CA SER D 84 35.43 -0.01 10.17
C SER D 84 35.67 1.47 10.32
N THR D 85 36.14 2.16 9.27
CA THR D 85 36.45 3.57 9.36
C THR D 85 35.39 4.40 8.67
N ILE D 86 34.92 5.44 9.36
CA ILE D 86 34.14 6.51 8.76
C ILE D 86 35.12 7.51 8.17
N THR D 87 35.10 7.69 6.86
CA THR D 87 36.02 8.60 6.21
C THR D 87 35.23 9.64 5.43
N SER D 88 35.97 10.59 4.85
CA SER D 88 35.35 11.62 4.03
C SER D 88 34.53 11.04 2.91
N ARG D 89 34.91 9.89 2.37
CA ARG D 89 34.12 9.29 1.31
C ARG D 89 32.76 8.82 1.81
N GLU D 90 32.69 8.23 3.00
CA GLU D 90 31.38 7.85 3.52
C GLU D 90 30.55 9.07 3.89
N ILE D 91 31.18 10.07 4.50
CA ILE D 91 30.43 11.26 4.90
C ILE D 91 29.95 12.02 3.67
N GLN D 92 30.65 11.88 2.55
CA GLN D 92 30.24 12.60 1.35
C GLN D 92 29.09 11.89 0.65
N THR D 93 29.17 10.58 0.50
CA THR D 93 28.07 9.86 -0.10
C THR D 93 26.82 9.94 0.75
N ALA D 94 26.95 9.93 2.08
CA ALA D 94 25.79 10.12 2.94
C ALA D 94 25.08 11.45 2.71
N VAL D 95 25.70 12.38 1.98
CA VAL D 95 25.06 13.66 1.70
C VAL D 95 24.20 13.57 0.44
N ARG D 96 24.62 12.79 -0.55
CA ARG D 96 23.82 12.67 -1.76
C ARG D 96 22.58 11.81 -1.51
N LEU D 97 22.58 11.01 -0.46
CA LEU D 97 21.40 10.22 -0.14
C LEU D 97 20.46 10.95 0.82
N LEU D 98 20.86 12.10 1.33
CA LEU D 98 20.02 12.87 2.25
C LEU D 98 19.53 14.17 1.62
N LEU D 99 20.44 15.01 1.18
CA LEU D 99 20.00 16.33 0.74
C LEU D 99 19.52 16.29 -0.71
N PRO D 100 18.39 16.91 -1.01
CA PRO D 100 17.81 16.79 -2.35
C PRO D 100 18.23 17.90 -3.30
N GLY D 101 18.48 17.51 -4.54
CA GLY D 101 18.68 18.47 -5.61
C GLY D 101 19.92 19.34 -5.47
N GLU D 102 19.71 20.66 -5.48
CA GLU D 102 20.84 21.59 -5.52
C GLU D 102 21.59 21.68 -4.21
N LEU D 103 20.97 21.34 -3.08
CA LEU D 103 21.72 21.26 -1.85
C LEU D 103 22.80 20.19 -1.94
N ALA D 104 22.46 19.03 -2.49
CA ALA D 104 23.42 17.96 -2.66
C ALA D 104 24.58 18.34 -3.56
N LYS D 105 24.45 19.41 -4.34
CA LYS D 105 25.52 19.83 -5.24
C LYS D 105 26.27 21.04 -4.74
N HIS D 106 25.65 21.85 -3.89
CA HIS D 106 26.35 22.96 -3.28
C HIS D 106 27.15 22.53 -2.05
N ALA D 107 26.53 21.74 -1.17
CA ALA D 107 27.19 21.37 0.07
C ALA D 107 28.42 20.52 -0.18
N VAL D 108 28.38 19.67 -1.21
CA VAL D 108 29.53 18.81 -1.49
C VAL D 108 30.73 19.65 -1.88
N SER D 109 30.54 20.66 -2.71
CA SER D 109 31.65 21.56 -3.03
C SER D 109 32.04 22.40 -1.83
N GLU D 110 31.10 22.71 -0.94
CA GLU D 110 31.42 23.47 0.25
C GLU D 110 32.29 22.65 1.20
N GLY D 111 32.21 21.32 1.09
CA GLY D 111 32.97 20.47 1.99
C GLY D 111 34.36 20.14 1.47
N THR D 112 34.48 19.93 0.16
CA THR D 112 35.77 19.62 -0.45
C THR D 112 36.71 20.82 -0.43
N LYS D 113 36.21 22.01 -0.10
CA LYS D 113 37.06 23.14 0.17
C LYS D 113 37.70 23.07 1.55
N ALA D 114 36.89 22.82 2.58
CA ALA D 114 37.45 22.69 3.93
C ALA D 114 38.41 21.52 4.01
N VAL D 115 38.04 20.38 3.43
CA VAL D 115 38.94 19.23 3.51
C VAL D 115 40.26 19.52 2.81
N THR D 116 40.21 20.17 1.64
CA THR D 116 41.44 20.51 0.94
C THR D 116 42.29 21.51 1.73
N LYS D 117 41.68 22.54 2.29
CA LYS D 117 42.44 23.52 3.05
C LYS D 117 43.05 22.92 4.30
N TYR D 118 42.40 21.92 4.89
CA TYR D 118 42.91 21.34 6.13
C TYR D 118 44.24 20.66 5.92
N THR D 119 44.35 19.86 4.85
CA THR D 119 45.59 19.12 4.61
C THR D 119 46.75 20.06 4.38
N SER D 120 46.59 21.02 3.47
CA SER D 120 47.63 22.00 3.18
C SER D 120 47.68 23.07 4.30
N ALA D 121 48.12 22.62 5.47
CA ALA D 121 48.23 23.48 6.63
C ALA D 121 49.21 22.91 7.64
N LYS E 37 -33.04 47.32 10.99
CA LYS E 37 -32.25 46.94 9.83
C LYS E 37 -30.76 47.16 10.09
N PRO E 38 -30.15 46.27 10.87
CA PRO E 38 -28.75 46.44 11.29
C PRO E 38 -27.71 45.90 10.31
N HIS E 39 -27.91 46.20 9.02
CA HIS E 39 -26.90 46.10 7.97
C HIS E 39 -26.55 44.65 7.59
N ARG E 40 -26.93 43.68 8.41
CA ARG E 40 -27.12 42.29 7.98
C ARG E 40 -26.14 41.78 6.93
N TYR E 41 -24.86 41.63 7.28
CA TYR E 41 -23.89 41.03 6.36
C TYR E 41 -24.43 39.77 5.71
N ARG E 42 -24.07 39.52 4.47
CA ARG E 42 -24.61 38.41 3.72
C ARG E 42 -23.81 37.14 4.01
N PRO E 43 -24.48 35.98 4.06
CA PRO E 43 -23.79 34.74 4.42
C PRO E 43 -22.64 34.44 3.48
N GLY E 44 -21.48 34.09 4.05
CA GLY E 44 -20.31 33.74 3.29
C GLY E 44 -19.16 34.72 3.38
N THR E 45 -19.30 35.81 4.15
CA THR E 45 -18.24 36.80 4.21
C THR E 45 -17.61 36.87 5.60
N VAL E 46 -18.42 36.79 6.66
CA VAL E 46 -17.83 36.82 7.99
C VAL E 46 -17.00 35.57 8.24
N ALA E 47 -17.21 34.51 7.46
CA ALA E 47 -16.33 33.35 7.53
C ALA E 47 -15.12 33.52 6.63
N LEU E 48 -15.33 34.04 5.43
CA LEU E 48 -14.24 34.22 4.50
C LEU E 48 -13.24 35.26 4.96
N ARG E 49 -13.61 36.14 5.88
CA ARG E 49 -12.65 37.13 6.35
C ARG E 49 -12.12 36.82 7.73
N GLU E 50 -12.58 35.74 8.35
CA GLU E 50 -11.87 35.20 9.50
C GLU E 50 -10.98 34.04 9.14
N ILE E 51 -11.22 33.38 8.00
CA ILE E 51 -10.20 32.50 7.43
C ILE E 51 -8.89 33.26 7.31
N ARG E 52 -8.92 34.39 6.61
CA ARG E 52 -7.72 35.17 6.37
C ARG E 52 -7.26 35.93 7.60
N ARG E 53 -7.93 35.78 8.73
CA ARG E 53 -7.44 36.30 9.98
C ARG E 53 -6.72 35.27 10.81
N TYR E 54 -7.21 34.03 10.83
CA TYR E 54 -6.57 32.97 11.58
C TYR E 54 -5.37 32.38 10.86
N GLN E 55 -5.09 32.82 9.64
CA GLN E 55 -3.93 32.37 8.90
C GLN E 55 -2.80 33.40 8.94
N LYS E 56 -2.79 34.28 9.92
CA LYS E 56 -1.69 35.20 10.13
C LYS E 56 -1.22 35.27 11.58
N SER E 57 -2.02 34.80 12.51
CA SER E 57 -1.61 34.72 13.90
C SER E 57 -1.12 33.31 14.21
N THR E 58 -0.27 33.20 15.22
CA THR E 58 0.32 31.92 15.58
C THR E 58 0.04 31.55 17.03
N GLU E 59 -1.07 31.99 17.60
CA GLU E 59 -1.45 31.66 18.95
C GLU E 59 -1.94 30.21 19.00
N LEU E 60 -2.42 29.79 20.17
CA LEU E 60 -3.03 28.48 20.34
C LEU E 60 -4.53 28.64 20.42
N LEU E 61 -5.27 27.71 19.81
CA LEU E 61 -6.68 27.89 19.55
C LEU E 61 -7.59 27.08 20.46
N ILE E 62 -7.02 26.34 21.42
CA ILE E 62 -7.83 25.57 22.36
C ILE E 62 -7.57 26.13 23.74
N ARG E 63 -8.55 25.95 24.63
CA ARG E 63 -8.45 26.48 25.97
C ARG E 63 -7.48 25.65 26.81
N LYS E 64 -6.64 26.35 27.57
CA LYS E 64 -5.53 25.70 28.26
C LYS E 64 -6.01 24.72 29.32
N LEU E 65 -6.80 25.18 30.29
CA LEU E 65 -7.24 24.28 31.37
C LEU E 65 -8.14 23.17 30.85
N PRO E 66 -9.13 23.43 29.99
CA PRO E 66 -9.92 22.31 29.46
C PRO E 66 -9.10 21.32 28.68
N PHE E 67 -8.03 21.74 28.01
CA PHE E 67 -7.20 20.74 27.33
C PHE E 67 -6.32 19.99 28.31
N GLN E 68 -5.81 20.66 29.34
CA GLN E 68 -4.95 19.99 30.30
C GLN E 68 -5.70 18.98 31.13
N ARG E 69 -6.96 19.23 31.49
CA ARG E 69 -7.72 18.25 32.23
C ARG E 69 -7.98 16.98 31.42
N LEU E 70 -7.88 17.05 30.10
CA LEU E 70 -8.13 15.88 29.27
C LEU E 70 -6.88 15.00 29.15
N VAL E 71 -5.71 15.61 29.00
CA VAL E 71 -4.48 14.84 28.93
C VAL E 71 -4.23 14.12 30.25
N ARG E 72 -4.46 14.80 31.36
CA ARG E 72 -4.30 14.15 32.66
C ARG E 72 -5.25 12.99 32.87
N GLU E 73 -6.41 12.99 32.22
CA GLU E 73 -7.37 11.92 32.38
C GLU E 73 -7.13 10.74 31.44
N ILE E 74 -6.69 11.00 30.22
CA ILE E 74 -6.34 9.89 29.34
C ILE E 74 -5.20 9.07 29.93
N ALA E 75 -4.34 9.73 30.73
CA ALA E 75 -3.19 9.06 31.32
C ALA E 75 -3.47 8.52 32.71
N GLN E 76 -4.72 8.17 33.01
CA GLN E 76 -5.05 7.38 34.19
C GLN E 76 -5.22 5.91 33.85
N ASP E 77 -5.38 5.58 32.57
CA ASP E 77 -5.54 4.20 32.15
C ASP E 77 -4.23 3.46 32.09
N PHE E 78 -3.10 4.15 32.16
CA PHE E 78 -1.80 3.54 31.96
C PHE E 78 -0.96 3.49 33.23
N LYS E 79 -1.14 4.43 34.15
CA LYS E 79 -0.46 4.38 35.43
C LYS E 79 -1.11 5.39 36.35
N THR E 80 -1.48 4.95 37.54
CA THR E 80 -2.11 5.84 38.50
C THR E 80 -1.08 6.77 39.13
N ASP E 81 -1.54 7.96 39.51
CA ASP E 81 -0.71 8.93 40.21
C ASP E 81 0.50 9.33 39.39
N LEU E 82 0.24 9.96 38.24
CA LEU E 82 1.29 10.54 37.44
C LEU E 82 1.40 12.02 37.73
N ARG E 83 2.48 12.62 37.23
CA ARG E 83 2.71 14.05 37.40
C ARG E 83 3.33 14.59 36.14
N PHE E 84 2.74 15.64 35.59
CA PHE E 84 3.19 16.22 34.34
C PHE E 84 3.98 17.48 34.62
N GLN E 85 5.05 17.69 33.86
CA GLN E 85 5.77 18.94 33.95
C GLN E 85 4.89 20.07 33.41
N SER E 86 5.45 21.28 33.44
CA SER E 86 4.72 22.41 32.88
C SER E 86 4.93 22.50 31.38
N SER E 87 6.07 22.03 30.89
CA SER E 87 6.36 22.07 29.47
C SER E 87 6.01 20.78 28.76
N ALA E 88 5.43 19.81 29.47
CA ALA E 88 5.00 18.58 28.84
C ALA E 88 3.55 18.62 28.39
N VAL E 89 2.81 19.60 28.88
CA VAL E 89 1.41 19.76 28.50
C VAL E 89 1.31 20.72 27.33
N NLE E 90 2.34 21.54 27.16
CA NLE E 90 2.38 22.48 26.06
C NLE E 90 3.03 21.86 24.87
O NLE E 90 3.04 22.48 23.78
CB NLE E 90 3.21 23.69 26.48
CG NLE E 90 2.42 24.59 27.43
CD NLE E 90 0.94 24.55 27.11
CE NLE E 90 0.16 25.41 28.09
N ALA E 91 3.60 20.67 25.01
CA ALA E 91 4.24 19.98 23.92
C ALA E 91 3.23 19.11 23.20
N LEU E 92 2.12 18.82 23.88
CA LEU E 92 1.08 18.00 23.27
C LEU E 92 0.02 18.87 22.63
N GLN E 93 -0.22 20.05 23.18
CA GLN E 93 -1.16 20.98 22.57
C GLN E 93 -0.74 21.37 21.17
N GLU E 94 0.56 21.62 20.98
CA GLU E 94 1.04 22.06 19.68
C GLU E 94 1.02 20.92 18.67
N ALA E 95 1.39 19.71 19.12
CA ALA E 95 1.28 18.56 18.23
C ALA E 95 -0.16 18.32 17.81
N SER E 96 -1.10 18.38 18.75
CA SER E 96 -2.50 18.14 18.40
C SER E 96 -3.03 19.19 17.44
N GLU E 97 -2.75 20.47 17.71
CA GLU E 97 -3.22 21.50 16.80
C GLU E 97 -2.61 21.34 15.42
N ALA E 98 -1.31 21.05 15.33
CA ALA E 98 -0.69 20.91 14.02
C ALA E 98 -1.14 19.65 13.31
N TYR E 99 -1.70 18.69 14.03
CA TYR E 99 -2.27 17.52 13.38
C TYR E 99 -3.65 17.84 12.82
N LEU E 100 -4.49 18.50 13.60
CA LEU E 100 -5.84 18.79 13.14
C LEU E 100 -5.84 19.80 12.00
N VAL E 101 -5.03 20.85 12.10
CA VAL E 101 -5.02 21.87 11.06
C VAL E 101 -4.60 21.28 9.73
N GLY E 102 -3.80 20.22 9.74
CA GLY E 102 -3.38 19.58 8.51
C GLY E 102 -4.19 18.35 8.16
N LEU E 103 -5.12 17.96 9.02
CA LEU E 103 -6.17 17.04 8.58
C LEU E 103 -7.27 17.78 7.85
N PHE E 104 -7.60 18.98 8.31
CA PHE E 104 -8.65 19.74 7.66
C PHE E 104 -8.23 20.27 6.30
N GLU E 105 -6.94 20.53 6.10
CA GLU E 105 -6.46 20.90 4.78
C GLU E 105 -6.71 19.81 3.75
N ASP E 106 -6.67 18.55 4.15
CA ASP E 106 -6.90 17.46 3.20
C ASP E 106 -8.39 17.14 3.10
N THR E 107 -9.13 17.31 4.19
CA THR E 107 -10.59 17.26 4.08
C THR E 107 -11.10 18.25 3.05
N ASN E 108 -10.61 19.49 3.08
CA ASN E 108 -11.12 20.52 2.18
C ASN E 108 -10.74 20.29 0.73
N LEU E 109 -10.11 19.16 0.41
CA LEU E 109 -9.86 18.82 -0.98
C LEU E 109 -10.78 17.72 -1.46
N CYS E 110 -11.16 16.79 -0.58
CA CYS E 110 -12.15 15.80 -0.94
C CYS E 110 -13.51 16.43 -1.15
N GLY E 111 -13.90 17.35 -0.26
CA GLY E 111 -15.18 18.03 -0.41
C GLY E 111 -15.24 18.81 -1.72
N ILE E 112 -14.13 19.39 -2.15
CA ILE E 112 -14.13 20.08 -3.43
C ILE E 112 -14.07 19.09 -4.57
N HIS E 113 -13.51 17.91 -4.32
CA HIS E 113 -13.53 16.84 -5.32
C HIS E 113 -14.96 16.44 -5.65
N ALA E 114 -15.78 16.23 -4.63
CA ALA E 114 -17.16 15.84 -4.83
C ALA E 114 -18.04 16.97 -5.37
N LYS E 115 -17.45 18.11 -5.72
CA LYS E 115 -18.19 19.30 -6.13
C LYS E 115 -19.13 19.78 -5.02
N ARG E 116 -18.53 20.18 -3.90
CA ARG E 116 -19.25 20.79 -2.79
C ARG E 116 -18.44 21.97 -2.27
N VAL E 117 -18.90 22.56 -1.17
CA VAL E 117 -18.06 23.51 -0.44
C VAL E 117 -18.11 23.19 1.04
N THR E 118 -19.05 22.36 1.47
CA THR E 118 -19.11 21.97 2.87
C THR E 118 -18.31 20.68 3.06
N ILE E 119 -17.90 20.43 4.30
CA ILE E 119 -17.16 19.21 4.62
C ILE E 119 -17.97 18.33 5.58
N NLE E 120 -18.44 17.19 5.09
CA NLE E 120 -19.22 16.28 5.90
C NLE E 120 -18.34 15.31 6.61
O NLE E 120 -17.11 15.34 6.43
CB NLE E 120 -20.19 15.50 5.02
CG NLE E 120 -20.67 16.33 3.85
CD NLE E 120 -22.17 16.16 3.65
CE NLE E 120 -22.90 17.43 4.01
N PRO E 121 -18.93 14.43 7.43
CA PRO E 121 -18.20 13.42 8.21
C PRO E 121 -17.62 12.30 7.33
N LYS E 122 -18.11 12.17 6.10
CA LYS E 122 -17.60 11.15 5.20
C LYS E 122 -16.36 11.61 4.45
N ASP E 123 -15.99 12.88 4.56
CA ASP E 123 -14.77 13.38 3.96
C ASP E 123 -13.55 13.12 4.83
N ILE E 124 -13.72 13.11 6.15
CA ILE E 124 -12.60 12.88 7.05
C ILE E 124 -12.13 11.44 6.96
N GLN E 125 -13.05 10.49 6.89
CA GLN E 125 -12.68 9.10 6.81
C GLN E 125 -11.95 8.76 5.53
N LEU E 126 -12.31 9.39 4.41
CA LEU E 126 -11.57 9.13 3.18
C LEU E 126 -10.14 9.64 3.29
N ALA E 127 -9.96 10.83 3.85
CA ALA E 127 -8.62 11.38 4.02
C ALA E 127 -7.76 10.46 4.86
N ARG E 128 -8.29 10.05 6.02
CA ARG E 128 -7.53 9.14 6.87
C ARG E 128 -7.22 7.83 6.17
N ARG E 129 -8.19 7.28 5.43
CA ARG E 129 -7.97 5.98 4.81
C ARG E 129 -6.97 6.07 3.68
N ILE E 130 -6.84 7.22 3.03
CA ILE E 130 -5.82 7.33 1.99
C ILE E 130 -4.45 7.57 2.60
N ARG E 131 -4.37 8.37 3.66
CA ARG E 131 -3.10 8.50 4.36
C ARG E 131 -2.59 7.15 4.83
N GLY E 132 -3.46 6.37 5.50
CA GLY E 132 -3.08 5.03 5.90
C GLY E 132 -3.26 4.76 7.37
N GLU E 133 -4.07 5.57 8.05
CA GLU E 133 -4.27 5.42 9.49
C GLU E 133 -5.44 4.50 9.84
N ARG E 134 -6.56 4.65 9.15
CA ARG E 134 -7.72 3.79 9.40
C ARG E 134 -7.59 2.46 8.67
N ARG F 17 -2.79 12.69 49.09
CA ARG F 17 -3.43 11.51 48.51
C ARG F 17 -4.71 11.90 47.77
N HIS F 18 -4.88 13.21 47.56
CA HIS F 18 -6.08 13.71 46.91
C HIS F 18 -6.11 13.32 45.44
N ARG F 19 -6.93 12.33 45.12
CA ARG F 19 -7.06 11.86 43.75
C ARG F 19 -8.46 12.12 43.22
N LYS F 20 -8.84 13.39 43.14
CA LYS F 20 -10.16 13.79 42.66
C LYS F 20 -10.45 13.17 41.31
N VAL F 21 -11.27 12.13 41.31
CA VAL F 21 -11.63 11.41 40.10
C VAL F 21 -12.14 12.35 39.00
N LEU F 22 -11.59 12.16 37.80
CA LEU F 22 -11.96 12.95 36.63
C LEU F 22 -12.90 12.15 35.75
N ARG F 23 -13.79 12.86 35.05
CA ARG F 23 -14.80 12.20 34.24
C ARG F 23 -15.37 13.14 33.20
N ASP F 24 -15.54 12.65 31.98
CA ASP F 24 -16.14 13.36 30.85
C ASP F 24 -15.53 14.75 30.66
N ASN F 25 -14.25 14.75 30.31
CA ASN F 25 -13.56 15.98 29.99
C ASN F 25 -13.39 16.20 28.49
N ILE F 26 -13.74 15.21 27.68
CA ILE F 26 -13.60 15.38 26.23
C ILE F 26 -14.52 16.46 25.69
N GLN F 27 -15.55 16.85 26.44
CA GLN F 27 -16.44 17.93 26.00
C GLN F 27 -15.87 19.31 26.27
N GLY F 28 -14.61 19.41 26.69
CA GLY F 28 -13.95 20.68 26.76
C GLY F 28 -13.43 21.14 25.44
N ILE F 29 -13.52 20.32 24.40
CA ILE F 29 -13.20 20.72 23.03
C ILE F 29 -14.52 21.18 22.43
N THR F 30 -14.83 22.47 22.64
CA THR F 30 -16.15 23.00 22.36
C THR F 30 -16.40 23.08 20.86
N LYS F 31 -17.54 23.66 20.48
CA LYS F 31 -17.90 23.85 19.09
C LYS F 31 -17.09 24.98 18.45
N PRO F 32 -16.98 26.16 19.08
CA PRO F 32 -16.15 27.20 18.47
C PRO F 32 -14.69 26.82 18.42
N ALA F 33 -14.21 26.02 19.39
CA ALA F 33 -12.80 25.65 19.40
C ALA F 33 -12.47 24.74 18.24
N ILE F 34 -13.47 24.08 17.66
CA ILE F 34 -13.24 23.29 16.46
C ILE F 34 -13.47 24.12 15.22
N ARG F 35 -14.43 25.05 15.25
CA ARG F 35 -14.59 25.94 14.11
C ARG F 35 -13.34 26.76 13.86
N ARG F 36 -12.59 27.10 14.91
CA ARG F 36 -11.38 27.88 14.71
C ARG F 36 -10.29 27.07 14.01
N LEU F 37 -10.09 25.82 14.43
CA LEU F 37 -9.13 24.98 13.72
C LEU F 37 -9.56 24.75 12.28
N ALA F 38 -10.85 24.54 12.04
CA ALA F 38 -11.30 24.38 10.68
C ALA F 38 -11.10 25.63 9.84
N ARG F 39 -11.19 26.81 10.46
CA ARG F 39 -10.95 28.04 9.72
C ARG F 39 -9.47 28.20 9.39
N ARG F 40 -8.60 27.93 10.36
CA ARG F 40 -7.17 28.02 10.09
C ARG F 40 -6.73 27.09 8.98
N GLY F 41 -7.46 26.00 8.75
CA GLY F 41 -7.10 25.10 7.68
C GLY F 41 -7.57 25.49 6.31
N GLY F 42 -8.59 26.34 6.22
CA GLY F 42 -9.10 26.78 4.94
C GLY F 42 -10.50 26.30 4.62
N VAL F 43 -11.35 26.10 5.61
CA VAL F 43 -12.69 25.55 5.43
C VAL F 43 -13.71 26.67 5.51
N LYS F 44 -14.61 26.73 4.53
CA LYS F 44 -15.58 27.81 4.46
C LYS F 44 -16.89 27.49 5.19
N ARG F 45 -17.47 26.33 4.93
CA ARG F 45 -18.76 25.95 5.50
C ARG F 45 -18.63 24.60 6.17
N ILE F 46 -18.99 24.52 7.44
CA ILE F 46 -18.85 23.31 8.23
C ILE F 46 -20.21 22.67 8.39
N SER F 47 -20.27 21.35 8.29
CA SER F 47 -21.51 20.62 8.49
C SER F 47 -21.81 20.55 9.99
N GLY F 48 -22.79 19.76 10.36
CA GLY F 48 -23.23 19.74 11.74
C GLY F 48 -22.86 18.47 12.47
N LEU F 49 -22.24 17.54 11.77
CA LEU F 49 -21.83 16.28 12.37
C LEU F 49 -20.32 16.14 12.48
N ILE F 50 -19.57 17.12 12.00
CA ILE F 50 -18.12 17.07 12.14
C ILE F 50 -17.71 17.21 13.60
N TYR F 51 -18.54 17.84 14.43
CA TYR F 51 -18.14 18.13 15.79
C TYR F 51 -18.01 16.86 16.61
N GLU F 52 -18.85 15.87 16.38
CA GLU F 52 -18.76 14.64 17.13
C GLU F 52 -17.72 13.68 16.58
N GLU F 53 -17.24 13.90 15.36
CA GLU F 53 -16.19 13.05 14.82
C GLU F 53 -14.79 13.59 15.06
N THR F 54 -14.62 14.91 15.11
CA THR F 54 -13.29 15.44 15.43
C THR F 54 -12.86 15.04 16.83
N ARG F 55 -13.78 14.98 17.78
CA ARG F 55 -13.39 14.53 19.11
C ARG F 55 -12.96 13.08 19.09
N GLY F 56 -13.61 12.25 18.29
CA GLY F 56 -13.20 10.86 18.19
C GLY F 56 -11.88 10.70 17.47
N VAL F 57 -11.55 11.63 16.58
CA VAL F 57 -10.26 11.58 15.91
C VAL F 57 -9.15 12.06 16.85
N LEU F 58 -9.46 12.99 17.74
CA LEU F 58 -8.45 13.51 18.64
C LEU F 58 -8.16 12.55 19.79
N LYS F 59 -9.21 11.94 20.35
CA LYS F 59 -9.03 11.03 21.47
C LYS F 59 -8.31 9.75 21.07
N VAL F 60 -8.08 9.53 19.79
CA VAL F 60 -7.30 8.38 19.35
C VAL F 60 -5.85 8.77 19.09
N PHE F 61 -5.62 9.93 18.50
CA PHE F 61 -4.25 10.42 18.37
C PHE F 61 -3.61 10.68 19.72
N LEU F 62 -4.39 11.04 20.73
CA LEU F 62 -3.77 11.35 22.01
C LEU F 62 -3.31 10.09 22.73
N GLU F 63 -4.04 8.99 22.62
CA GLU F 63 -3.66 7.78 23.32
C GLU F 63 -2.36 7.22 22.77
N ASN F 64 -2.21 7.19 21.44
CA ASN F 64 -1.01 6.61 20.85
C ASN F 64 0.25 7.37 21.20
N VAL F 65 0.14 8.60 21.71
CA VAL F 65 1.31 9.36 22.11
C VAL F 65 1.49 9.36 23.62
N ILE F 66 0.40 9.41 24.38
CA ILE F 66 0.56 9.38 25.82
C ILE F 66 0.99 7.99 26.30
N ARG F 67 0.58 6.94 25.61
CA ARG F 67 1.03 5.60 25.97
C ARG F 67 2.56 5.50 25.86
N ASP F 68 3.12 6.02 24.77
CA ASP F 68 4.56 5.95 24.59
C ASP F 68 5.30 6.89 25.54
N ALA F 69 4.74 8.06 25.82
CA ALA F 69 5.37 8.92 26.82
C ALA F 69 5.45 8.21 28.16
N VAL F 70 4.36 7.58 28.60
CA VAL F 70 4.39 6.90 29.88
C VAL F 70 5.32 5.71 29.86
N THR F 71 5.44 5.03 28.71
CA THR F 71 6.40 3.93 28.64
C THR F 71 7.83 4.43 28.80
N TYR F 72 8.21 5.45 28.03
CA TYR F 72 9.54 6.03 28.19
C TYR F 72 9.78 6.50 29.62
N THR F 73 8.73 6.91 30.33
CA THR F 73 8.91 7.34 31.71
C THR F 73 9.15 6.15 32.64
N GLU F 74 8.32 5.12 32.54
CA GLU F 74 8.45 3.98 33.45
C GLU F 74 9.82 3.33 33.34
N HIS F 75 10.46 3.40 32.17
CA HIS F 75 11.75 2.76 32.00
C HIS F 75 12.85 3.46 32.78
N ALA F 76 12.72 4.76 33.01
CA ALA F 76 13.72 5.49 33.77
C ALA F 76 13.46 5.50 35.26
N LYS F 77 12.39 4.84 35.72
CA LYS F 77 12.06 4.74 37.14
C LYS F 77 11.82 6.11 37.76
N ARG F 78 10.90 6.86 37.18
CA ARG F 78 10.49 8.16 37.66
C ARG F 78 8.97 8.19 37.83
N LYS F 79 8.46 9.34 38.23
CA LYS F 79 7.03 9.54 38.34
C LYS F 79 6.54 10.80 37.65
N THR F 80 7.40 11.51 36.92
CA THR F 80 7.06 12.78 36.32
C THR F 80 7.27 12.72 34.82
N VAL F 81 6.17 12.73 34.07
CA VAL F 81 6.24 12.76 32.62
C VAL F 81 6.90 14.07 32.19
N THR F 82 8.10 13.99 31.64
CA THR F 82 8.88 15.18 31.35
C THR F 82 8.64 15.62 29.92
N ALA F 83 9.29 16.72 29.54
CA ALA F 83 9.07 17.35 28.24
C ALA F 83 9.92 16.75 27.15
N MET F 84 10.75 15.75 27.46
CA MET F 84 11.52 15.04 26.46
C MET F 84 10.92 13.69 26.11
N ASP F 85 10.21 13.07 27.05
CA ASP F 85 9.46 11.87 26.72
C ASP F 85 8.47 12.13 25.60
N VAL F 86 7.82 13.29 25.64
CA VAL F 86 6.84 13.60 24.60
C VAL F 86 7.54 13.81 23.27
N VAL F 87 8.67 14.50 23.26
CA VAL F 87 9.39 14.73 22.01
C VAL F 87 9.85 13.41 21.42
N TYR F 88 10.31 12.47 22.26
CA TYR F 88 10.76 11.19 21.74
C TYR F 88 9.59 10.35 21.25
N ALA F 89 8.49 10.33 21.99
CA ALA F 89 7.32 9.59 21.56
C ALA F 89 6.81 10.10 20.22
N LEU F 90 6.87 11.42 20.00
CA LEU F 90 6.46 11.95 18.71
C LEU F 90 7.45 11.62 17.62
N LYS F 91 8.74 11.71 17.90
CA LYS F 91 9.74 11.40 16.89
C LYS F 91 9.69 9.92 16.51
N ARG F 92 9.10 9.10 17.35
CA ARG F 92 9.04 7.66 17.05
C ARG F 92 7.96 7.34 16.04
N GLN F 93 7.09 8.30 15.70
CA GLN F 93 6.02 8.07 14.74
C GLN F 93 6.20 8.88 13.47
N GLY F 94 7.34 9.53 13.29
CA GLY F 94 7.53 10.38 12.13
C GLY F 94 6.79 11.68 12.28
N ARG F 95 6.86 12.28 13.46
CA ARG F 95 6.25 13.58 13.72
C ARG F 95 7.20 14.45 14.52
N THR F 96 8.45 14.55 14.06
CA THR F 96 9.47 15.34 14.75
C THR F 96 8.94 16.72 15.10
N LEU F 97 9.37 17.24 16.25
CA LEU F 97 8.85 18.51 16.77
C LEU F 97 10.00 19.38 17.25
N TYR F 98 10.27 20.47 16.56
CA TYR F 98 11.35 21.38 16.92
C TYR F 98 10.85 22.41 17.91
N GLY F 99 11.71 22.80 18.85
CA GLY F 99 11.38 23.94 19.67
C GLY F 99 11.27 23.71 21.16
N PHE F 100 11.27 22.45 21.59
CA PHE F 100 11.14 22.13 23.00
C PHE F 100 12.36 21.43 23.56
N GLY F 101 13.49 21.56 22.89
CA GLY F 101 14.68 20.86 23.31
C GLY F 101 14.77 19.51 22.64
N GLY F 102 15.81 19.34 21.83
CA GLY F 102 15.98 18.12 21.07
C GLY F 102 17.37 17.54 21.17
N THR G 10 37.46 -26.45 29.37
CA THR G 10 37.02 -27.63 28.63
C THR G 10 37.30 -28.89 29.44
N ARG G 11 37.02 -28.85 30.73
CA ARG G 11 37.25 -29.99 31.61
C ARG G 11 35.94 -30.71 31.93
N ALA G 12 34.83 -30.14 31.50
CA ALA G 12 33.52 -30.73 31.75
C ALA G 12 32.77 -31.00 30.44
N LYS G 13 31.53 -31.43 30.59
CA LYS G 13 30.69 -31.75 29.45
C LYS G 13 30.04 -30.49 28.91
N ALA G 14 30.05 -30.36 27.58
CA ALA G 14 29.58 -29.14 26.92
C ALA G 14 28.06 -29.13 26.83
N LYS G 15 27.50 -27.93 26.96
CA LYS G 15 26.08 -27.68 26.73
C LYS G 15 25.94 -26.32 26.06
N THR G 16 25.06 -26.25 25.06
CA THR G 16 24.80 -24.95 24.45
C THR G 16 23.93 -24.11 25.37
N ARG G 17 23.89 -22.81 25.09
CA ARG G 17 23.05 -21.92 25.87
C ARG G 17 21.61 -21.94 25.40
N SER G 18 21.33 -22.49 24.23
CA SER G 18 19.95 -22.66 23.82
C SER G 18 19.23 -23.68 24.69
N SER G 19 19.82 -24.87 24.84
CA SER G 19 19.17 -25.92 25.60
C SER G 19 18.99 -25.54 27.06
N ARG G 20 19.84 -24.66 27.58
CA ARG G 20 19.63 -24.18 28.93
C ARG G 20 18.31 -23.44 29.06
N ALA G 21 18.09 -22.44 28.22
CA ALA G 21 16.84 -21.70 28.27
C ALA G 21 15.68 -22.49 27.68
N GLY G 22 15.95 -23.43 26.79
CA GLY G 22 14.91 -24.25 26.21
C GLY G 22 14.36 -23.67 24.93
N LEU G 23 15.23 -23.11 24.10
CA LEU G 23 14.85 -22.47 22.86
C LEU G 23 15.37 -23.27 21.67
N GLN G 24 15.02 -22.80 20.48
CA GLN G 24 15.48 -23.41 19.24
C GLN G 24 16.25 -22.43 18.37
N PHE G 25 16.44 -21.20 18.81
CA PHE G 25 17.20 -20.20 18.09
C PHE G 25 18.59 -20.05 18.71
N PRO G 26 19.58 -19.60 17.96
CA PRO G 26 20.94 -19.59 18.50
C PRO G 26 21.23 -18.44 19.44
N VAL G 27 21.25 -18.74 20.75
CA VAL G 27 21.65 -17.75 21.73
C VAL G 27 23.13 -17.44 21.59
N GLY G 28 23.89 -18.29 20.92
CA GLY G 28 25.28 -17.99 20.70
C GLY G 28 25.49 -17.06 19.54
N ARG G 29 24.66 -17.18 18.51
CA ARG G 29 24.79 -16.32 17.35
C ARG G 29 24.16 -14.95 17.57
N VAL G 30 23.10 -14.85 18.37
CA VAL G 30 22.52 -13.54 18.63
C VAL G 30 23.48 -12.67 19.44
N HIS G 31 24.18 -13.26 20.40
CA HIS G 31 25.15 -12.51 21.19
C HIS G 31 26.24 -11.90 20.31
N ARG G 32 26.72 -12.65 19.32
CA ARG G 32 27.74 -12.12 18.43
C ARG G 32 27.24 -10.98 17.57
N LEU G 33 26.01 -11.04 17.08
CA LEU G 33 25.48 -9.92 16.31
C LEU G 33 25.27 -8.70 17.19
N LEU G 34 24.84 -8.89 18.44
CA LEU G 34 24.71 -7.74 19.34
C LEU G 34 26.06 -7.10 19.62
N ARG G 35 27.11 -7.90 19.75
CA ARG G 35 28.42 -7.31 20.01
C ARG G 35 29.00 -6.63 18.79
N LYS G 36 29.05 -7.29 17.64
CA LYS G 36 29.79 -6.77 16.50
C LYS G 36 28.94 -5.88 15.62
N GLY G 37 27.90 -5.27 16.17
CA GLY G 37 26.99 -4.50 15.36
C GLY G 37 26.91 -3.04 15.77
N ASN G 38 27.69 -2.66 16.76
CA ASN G 38 27.78 -1.28 17.22
C ASN G 38 26.44 -0.79 17.75
N TYR G 39 25.89 -1.51 18.72
CA TYR G 39 24.67 -1.08 19.38
C TYR G 39 24.93 -0.45 20.73
N ALA G 40 25.89 -0.93 21.49
CA ALA G 40 26.32 -0.29 22.73
C ALA G 40 27.70 -0.79 23.08
N GLU G 41 28.38 -0.06 23.96
CA GLU G 41 29.74 -0.41 24.34
C GLU G 41 29.83 -1.78 24.98
N ARG G 42 28.87 -2.12 25.84
CA ARG G 42 28.82 -3.43 26.46
C ARG G 42 27.47 -4.05 26.19
N VAL G 43 27.36 -5.33 26.49
CA VAL G 43 26.11 -6.07 26.33
C VAL G 43 25.92 -6.95 27.55
N GLY G 44 24.75 -6.87 28.16
CA GLY G 44 24.47 -7.68 29.32
C GLY G 44 24.50 -9.16 28.99
N ALA G 45 24.23 -10.01 29.97
CA ALA G 45 24.31 -11.45 29.74
C ALA G 45 22.97 -12.07 29.40
N GLY G 46 21.86 -11.44 29.75
CA GLY G 46 20.56 -11.99 29.47
C GLY G 46 19.86 -11.26 28.35
N ALA G 47 20.61 -10.51 27.56
CA ALA G 47 19.99 -9.83 26.44
C ALA G 47 19.80 -10.79 25.25
N PRO G 48 20.78 -11.61 24.88
CA PRO G 48 20.51 -12.58 23.82
C PRO G 48 19.48 -13.63 24.20
N VAL G 49 19.49 -14.11 25.45
CA VAL G 49 18.51 -15.09 25.86
C VAL G 49 17.09 -14.53 25.79
N TYR G 50 16.93 -13.24 26.05
CA TYR G 50 15.62 -12.63 25.92
C TYR G 50 15.27 -12.33 24.47
N LEU G 51 16.22 -11.87 23.68
CA LEU G 51 15.94 -11.51 22.29
C LEU G 51 15.72 -12.72 21.40
N ALA G 52 16.18 -13.90 21.78
CA ALA G 52 15.90 -15.06 20.94
C ALA G 52 14.53 -15.67 21.23
N ALA G 53 14.06 -15.55 22.46
CA ALA G 53 12.75 -16.07 22.81
C ALA G 53 11.63 -15.20 22.30
N VAL G 54 11.93 -14.02 21.79
CA VAL G 54 10.93 -13.13 21.21
C VAL G 54 11.01 -13.26 19.71
N LEU G 55 12.09 -13.85 19.22
CA LEU G 55 12.15 -14.16 17.80
C LEU G 55 11.56 -15.51 17.47
N GLU G 56 11.64 -16.49 18.37
CA GLU G 56 10.98 -17.75 18.00
C GLU G 56 9.46 -17.61 18.06
N TYR G 57 8.96 -16.73 18.94
CA TYR G 57 7.53 -16.59 19.07
C TYR G 57 6.93 -15.88 17.86
N LEU G 58 7.57 -14.82 17.39
CA LEU G 58 7.08 -14.15 16.20
C LEU G 58 7.21 -15.02 14.96
N THR G 59 8.07 -16.03 15.00
CA THR G 59 8.16 -16.94 13.86
C THR G 59 7.09 -18.02 13.93
N ALA G 60 6.84 -18.54 15.12
CA ALA G 60 5.76 -19.51 15.28
C ALA G 60 4.42 -18.90 14.91
N GLU G 61 4.18 -17.66 15.34
CA GLU G 61 2.87 -17.05 15.10
C GLU G 61 2.59 -16.83 13.63
N ILE G 62 3.62 -16.73 12.80
CA ILE G 62 3.40 -16.57 11.37
C ILE G 62 3.38 -17.91 10.66
N LEU G 63 4.24 -18.85 11.06
CA LEU G 63 4.24 -20.14 10.39
C LEU G 63 2.96 -20.90 10.66
N GLU G 64 2.35 -20.71 11.84
CA GLU G 64 1.09 -21.40 12.11
C GLU G 64 -0.03 -20.89 11.22
N LEU G 65 -0.17 -19.57 11.10
CA LEU G 65 -1.20 -19.03 10.21
C LEU G 65 -0.91 -19.38 8.76
N ALA G 66 0.36 -19.40 8.36
CA ALA G 66 0.70 -19.80 7.01
C ALA G 66 0.28 -21.23 6.73
N GLY G 67 0.56 -22.14 7.67
CA GLY G 67 0.14 -23.52 7.49
C GLY G 67 -1.37 -23.66 7.44
N ASN G 68 -2.08 -22.93 8.31
CA ASN G 68 -3.54 -22.95 8.26
C ASN G 68 -4.07 -22.51 6.90
N ALA G 69 -3.53 -21.42 6.35
CA ALA G 69 -4.03 -20.96 5.07
C ALA G 69 -3.55 -21.82 3.91
N ALA G 70 -2.48 -22.58 4.09
CA ALA G 70 -2.06 -23.51 3.05
C ALA G 70 -2.84 -24.81 3.08
N ARG G 71 -3.42 -25.16 4.23
CA ARG G 71 -4.26 -26.34 4.30
C ARG G 71 -5.57 -26.14 3.57
N ASP G 72 -6.06 -24.91 3.50
CA ASP G 72 -7.36 -24.61 2.94
C ASP G 72 -7.32 -24.38 1.44
N ASN G 73 -6.32 -24.91 0.75
CA ASN G 73 -6.36 -25.08 -0.69
C ASN G 73 -5.97 -26.49 -1.10
N LYS G 74 -6.13 -27.43 -0.18
CA LYS G 74 -5.78 -28.85 -0.39
C LYS G 74 -4.32 -29.01 -0.82
N LYS G 75 -3.47 -28.14 -0.29
CA LYS G 75 -2.04 -28.16 -0.56
C LYS G 75 -1.28 -28.49 0.70
N THR G 76 -0.02 -28.91 0.53
CA THR G 76 0.80 -29.45 1.61
C THR G 76 2.19 -28.81 1.62
N ARG G 77 2.27 -27.54 1.25
CA ARG G 77 3.56 -26.89 1.13
C ARG G 77 3.40 -25.38 1.07
N ILE G 78 4.17 -24.65 1.88
CA ILE G 78 3.99 -23.22 2.04
C ILE G 78 4.78 -22.50 0.96
N ILE G 79 4.09 -21.70 0.16
CA ILE G 79 4.71 -20.93 -0.92
C ILE G 79 4.41 -19.46 -0.67
N PRO G 80 5.07 -18.51 -1.33
CA PRO G 80 4.97 -17.11 -0.92
C PRO G 80 3.57 -16.51 -0.96
N ARG G 81 2.61 -17.17 -1.61
CA ARG G 81 1.26 -16.62 -1.60
C ARG G 81 0.58 -16.82 -0.26
N HIS G 82 0.89 -17.92 0.41
CA HIS G 82 0.26 -18.19 1.70
C HIS G 82 0.76 -17.25 2.78
N LEU G 83 2.01 -16.80 2.70
CA LEU G 83 2.50 -15.83 3.68
C LEU G 83 1.82 -14.49 3.50
N GLN G 84 1.50 -14.11 2.25
CA GLN G 84 0.74 -12.91 2.00
C GLN G 84 -0.66 -13.02 2.59
N LEU G 85 -1.35 -14.12 2.28
CA LEU G 85 -2.70 -14.31 2.81
C LEU G 85 -2.71 -14.53 4.31
N ALA G 86 -1.55 -14.78 4.91
CA ALA G 86 -1.47 -15.03 6.35
C ALA G 86 -1.40 -13.76 7.17
N VAL G 87 -0.66 -12.77 6.68
CA VAL G 87 -0.50 -11.52 7.40
C VAL G 87 -1.59 -10.50 7.07
N ARG G 88 -2.00 -10.44 5.82
CA ARG G 88 -3.02 -9.49 5.40
C ARG G 88 -4.38 -9.69 6.07
N ASN G 89 -4.59 -10.83 6.72
CA ASN G 89 -5.86 -11.08 7.38
C ASN G 89 -5.79 -11.03 8.90
N ASP G 90 -4.61 -10.89 9.47
CA ASP G 90 -4.45 -10.79 10.92
C ASP G 90 -4.26 -9.33 11.29
N GLU G 91 -5.08 -8.83 12.21
CA GLU G 91 -5.14 -7.40 12.45
C GLU G 91 -3.88 -6.84 13.07
N GLU G 92 -3.07 -7.64 13.76
CA GLU G 92 -1.84 -7.15 14.34
C GLU G 92 -0.62 -7.36 13.46
N LEU G 93 -0.52 -8.47 12.75
CA LEU G 93 0.60 -8.63 11.84
C LEU G 93 0.47 -7.70 10.64
N ASN G 94 -0.75 -7.38 10.22
CA ASN G 94 -0.90 -6.38 9.18
C ASN G 94 -0.39 -5.02 9.63
N LYS G 95 -0.36 -4.76 10.94
CA LYS G 95 0.14 -3.48 11.41
C LYS G 95 1.64 -3.53 11.69
N LEU G 96 2.16 -4.70 12.06
CA LEU G 96 3.60 -4.82 12.22
C LEU G 96 4.31 -4.80 10.88
N LEU G 97 3.69 -5.31 9.83
CA LEU G 97 4.32 -5.33 8.52
C LEU G 97 3.54 -4.44 7.56
N GLY G 98 3.18 -3.24 8.01
CA GLY G 98 2.36 -2.37 7.18
C GLY G 98 3.04 -1.97 5.89
N ARG G 99 4.24 -1.41 5.97
CA ARG G 99 4.94 -0.96 4.77
C ARG G 99 6.01 -1.97 4.35
N VAL G 100 5.56 -3.14 3.91
CA VAL G 100 6.45 -4.23 3.54
C VAL G 100 5.84 -5.00 2.39
N THR G 101 6.62 -5.21 1.35
CA THR G 101 6.18 -5.95 0.16
C THR G 101 6.78 -7.34 0.17
N ILE G 102 5.93 -8.35 0.03
CA ILE G 102 6.34 -9.75 -0.02
C ILE G 102 6.32 -10.20 -1.46
N ALA G 103 7.49 -10.60 -1.96
CA ALA G 103 7.65 -10.85 -3.38
C ALA G 103 6.74 -11.96 -3.85
N GLN G 104 5.96 -11.68 -4.90
CA GLN G 104 5.02 -12.64 -5.48
C GLN G 104 3.98 -13.08 -4.46
N GLY G 105 3.20 -12.12 -3.99
CA GLY G 105 2.16 -12.40 -3.02
C GLY G 105 0.78 -12.02 -3.53
N GLY G 106 0.71 -11.25 -4.60
CA GLY G 106 -0.57 -10.80 -5.10
C GLY G 106 -1.24 -9.84 -4.16
N VAL G 107 -2.57 -9.85 -4.10
CA VAL G 107 -3.34 -8.98 -3.24
C VAL G 107 -4.51 -9.78 -2.68
N LEU G 108 -5.34 -9.12 -1.89
CA LEU G 108 -6.45 -9.82 -1.28
C LEU G 108 -7.69 -9.76 -2.16
N PRO G 109 -8.52 -10.79 -2.16
CA PRO G 109 -9.75 -10.74 -2.95
C PRO G 109 -10.74 -9.77 -2.33
N ASN G 110 -11.05 -8.70 -3.07
CA ASN G 110 -11.94 -7.67 -2.56
C ASN G 110 -12.47 -6.87 -3.74
N ILE G 111 -13.77 -6.97 -3.98
CA ILE G 111 -14.46 -6.11 -4.94
C ILE G 111 -15.35 -5.17 -4.15
N GLN G 112 -15.32 -3.89 -4.52
CA GLN G 112 -16.11 -2.90 -3.82
C GLN G 112 -17.60 -3.21 -3.97
N SER G 113 -18.34 -3.05 -2.88
CA SER G 113 -19.76 -3.38 -2.83
C SER G 113 -20.72 -2.55 -3.70
N VAL G 114 -20.20 -1.55 -4.38
CA VAL G 114 -21.05 -0.71 -5.22
C VAL G 114 -20.81 -0.95 -6.70
N LEU G 115 -19.92 -1.88 -7.02
CA LEU G 115 -19.61 -2.19 -8.41
C LEU G 115 -20.39 -3.41 -8.92
N LEU G 116 -20.75 -4.31 -8.01
CA LEU G 116 -21.48 -5.51 -8.39
C LEU G 116 -22.78 -5.18 -9.10
N PRO G 117 -23.06 -5.91 -10.20
CA PRO G 117 -24.28 -5.69 -11.00
C PRO G 117 -25.53 -5.77 -10.12
N LYS G 118 -26.19 -4.65 -9.92
CA LYS G 118 -27.40 -4.60 -9.10
C LYS G 118 -28.60 -5.19 -9.84
N LYS G 119 -29.22 -6.19 -9.23
CA LYS G 119 -30.39 -6.87 -9.80
C LYS G 119 -30.17 -7.27 -11.26
N LYS H 25 38.59 -26.02 -7.72
CA LYS H 25 37.61 -25.46 -6.79
C LYS H 25 38.27 -24.64 -5.69
N ARG H 26 37.62 -23.54 -5.32
CA ARG H 26 38.11 -22.67 -4.25
C ARG H 26 37.33 -22.83 -2.95
N ARG H 27 36.41 -23.78 -2.86
CA ARG H 27 35.71 -24.11 -1.63
C ARG H 27 34.96 -22.88 -1.09
N LYS H 28 33.90 -22.51 -1.84
CA LYS H 28 33.13 -21.31 -1.62
C LYS H 28 32.87 -21.02 -0.14
N THR H 29 32.93 -19.76 0.25
CA THR H 29 32.91 -19.39 1.64
C THR H 29 31.49 -19.50 2.21
N ARG H 30 31.43 -19.94 3.47
CA ARG H 30 30.19 -20.19 4.18
C ARG H 30 29.43 -18.89 4.40
N LYS H 31 28.10 -18.98 4.27
CA LYS H 31 27.23 -17.85 4.50
C LYS H 31 26.08 -18.31 5.38
N GLU H 32 25.97 -17.73 6.56
CA GLU H 32 25.02 -18.20 7.57
C GLU H 32 23.63 -17.62 7.34
N SER H 33 22.66 -18.21 8.03
CA SER H 33 21.26 -17.85 7.91
C SER H 33 20.47 -18.57 8.99
N TYR H 34 19.18 -18.26 9.09
CA TYR H 34 18.29 -18.95 10.00
C TYR H 34 17.51 -20.05 9.31
N ALA H 35 18.05 -20.57 8.21
CA ALA H 35 17.33 -21.50 7.36
C ALA H 35 17.21 -22.89 7.96
N ILE H 36 17.81 -23.15 9.11
CA ILE H 36 17.64 -24.43 9.78
C ILE H 36 17.01 -24.30 11.14
N TYR H 37 16.76 -23.09 11.62
CA TYR H 37 15.95 -22.91 12.81
C TYR H 37 14.51 -22.56 12.45
N VAL H 38 14.33 -21.83 11.34
CA VAL H 38 12.99 -21.68 10.80
C VAL H 38 12.43 -23.04 10.44
N TYR H 39 13.29 -23.97 10.03
CA TYR H 39 12.87 -25.30 9.64
C TYR H 39 12.71 -26.25 10.81
N LYS H 40 13.11 -25.84 12.01
CA LYS H 40 12.86 -26.62 13.21
C LYS H 40 11.64 -26.13 13.96
N VAL H 41 11.39 -24.83 13.97
CA VAL H 41 10.17 -24.34 14.59
C VAL H 41 8.93 -24.79 13.84
N LEU H 42 9.05 -25.01 12.53
CA LEU H 42 7.90 -25.43 11.74
C LEU H 42 7.41 -26.83 12.12
N LYS H 43 8.32 -27.74 12.43
CA LYS H 43 7.95 -29.09 12.80
C LYS H 43 7.43 -29.19 14.23
N GLN H 44 7.22 -28.07 14.90
CA GLN H 44 6.57 -28.08 16.20
C GLN H 44 5.10 -27.70 16.10
N VAL H 45 4.73 -26.94 15.06
CA VAL H 45 3.36 -26.49 14.91
C VAL H 45 2.68 -27.16 13.72
N HIS H 46 3.44 -27.84 12.85
CA HIS H 46 2.85 -28.61 11.76
C HIS H 46 3.78 -29.77 11.41
N PRO H 47 3.60 -30.91 12.04
CA PRO H 47 4.61 -31.98 11.95
C PRO H 47 4.74 -32.62 10.58
N ASP H 48 3.89 -32.26 9.63
CA ASP H 48 3.91 -32.94 8.34
C ASP H 48 4.03 -32.02 7.13
N THR H 49 3.77 -30.73 7.25
CA THR H 49 3.89 -29.87 6.09
C THR H 49 5.35 -29.52 5.85
N GLY H 50 5.61 -28.93 4.68
CA GLY H 50 6.93 -28.50 4.31
C GLY H 50 6.98 -26.99 4.10
N ILE H 51 8.06 -26.54 3.50
CA ILE H 51 8.23 -25.13 3.15
C ILE H 51 9.03 -25.06 1.86
N SER H 52 8.84 -23.98 1.12
CA SER H 52 9.43 -23.84 -0.20
C SER H 52 10.74 -23.05 -0.13
N SER H 53 11.56 -23.23 -1.15
CA SER H 53 12.86 -22.57 -1.16
C SER H 53 12.73 -21.06 -1.30
N LYS H 54 11.98 -20.57 -2.28
CA LYS H 54 11.77 -19.14 -2.45
C LYS H 54 10.85 -18.56 -1.40
N ALA H 55 10.25 -19.40 -0.55
CA ALA H 55 9.47 -18.91 0.57
C ALA H 55 10.19 -19.11 1.89
N MET H 56 11.41 -19.60 1.87
CA MET H 56 12.24 -19.58 3.07
C MET H 56 13.04 -18.28 3.16
N SER H 57 13.40 -17.73 2.01
CA SER H 57 14.09 -16.45 1.99
C SER H 57 13.26 -15.37 2.65
N ILE H 58 11.94 -15.45 2.51
CA ILE H 58 11.08 -14.44 3.10
C ILE H 58 11.13 -14.51 4.62
N MET H 59 11.12 -15.71 5.18
CA MET H 59 11.21 -15.81 6.63
C MET H 59 12.61 -15.42 7.12
N ASN H 60 13.64 -15.80 6.39
CA ASN H 60 14.98 -15.32 6.71
C ASN H 60 15.00 -13.80 6.80
N SER H 61 14.48 -13.13 5.77
CA SER H 61 14.50 -11.67 5.76
C SER H 61 13.62 -11.09 6.86
N PHE H 62 12.53 -11.76 7.20
CA PHE H 62 11.67 -11.29 8.27
C PHE H 62 12.41 -11.30 9.60
N VAL H 63 13.18 -12.36 9.85
CA VAL H 63 13.94 -12.40 11.09
C VAL H 63 15.04 -11.35 11.09
N ASN H 64 15.75 -11.21 9.97
CA ASN H 64 16.81 -10.21 9.90
C ASN H 64 16.28 -8.80 9.97
N ASP H 65 15.00 -8.59 9.66
CA ASP H 65 14.42 -7.26 9.71
C ASP H 65 13.82 -6.94 11.07
N VAL H 66 13.30 -7.94 11.77
CA VAL H 66 12.80 -7.70 13.12
C VAL H 66 13.91 -7.65 14.16
N PHE H 67 15.00 -8.38 13.96
CA PHE H 67 16.11 -8.29 14.90
C PHE H 67 16.68 -6.88 14.95
N GLU H 68 16.79 -6.24 13.78
CA GLU H 68 17.44 -4.94 13.72
C GLU H 68 16.60 -3.86 14.39
N ARG H 69 15.28 -3.88 14.21
CA ARG H 69 14.44 -2.88 14.87
C ARG H 69 14.53 -2.99 16.38
N ILE H 70 14.38 -4.21 16.90
CA ILE H 70 14.34 -4.40 18.34
C ILE H 70 15.72 -4.15 18.95
N ALA H 71 16.79 -4.26 18.17
CA ALA H 71 18.09 -3.92 18.72
C ALA H 71 18.38 -2.43 18.61
N GLY H 72 17.96 -1.81 17.52
CA GLY H 72 18.23 -0.39 17.33
C GLY H 72 17.31 0.50 18.13
N GLU H 73 16.27 -0.05 18.73
CA GLU H 73 15.51 0.73 19.70
C GLU H 73 16.11 0.61 21.10
N ALA H 74 16.61 -0.57 21.46
CA ALA H 74 17.32 -0.72 22.72
C ALA H 74 18.59 0.12 22.75
N SER H 75 19.26 0.25 21.61
CA SER H 75 20.39 1.15 21.53
C SER H 75 20.03 2.55 22.00
N ARG H 76 18.95 3.11 21.48
CA ARG H 76 18.54 4.47 21.81
C ARG H 76 18.00 4.59 23.22
N LEU H 77 17.31 3.57 23.72
CA LEU H 77 16.91 3.60 25.13
C LEU H 77 18.12 3.68 26.03
N ALA H 78 19.15 2.88 25.77
CA ALA H 78 20.30 2.92 26.65
C ALA H 78 21.13 4.18 26.48
N HIS H 79 20.85 4.98 25.45
CA HIS H 79 21.65 6.18 25.22
C HIS H 79 20.94 7.43 25.72
N TYR H 80 19.61 7.43 25.73
CA TYR H 80 18.90 8.56 26.32
C TYR H 80 19.18 8.69 27.80
N ASN H 81 19.33 7.58 28.50
CA ASN H 81 19.51 7.59 29.95
C ASN H 81 20.96 7.63 30.37
N LYS H 82 21.88 7.81 29.43
CA LYS H 82 23.30 7.91 29.73
C LYS H 82 23.81 6.64 30.41
N ARG H 83 23.47 5.50 29.82
CA ARG H 83 23.96 4.20 30.24
C ARG H 83 24.93 3.69 29.19
N SER H 84 25.48 2.50 29.44
CA SER H 84 26.47 1.92 28.57
C SER H 84 26.28 0.42 28.41
N THR H 85 25.05 -0.08 28.46
CA THR H 85 24.81 -1.50 28.43
C THR H 85 23.38 -1.77 27.96
N ILE H 86 23.22 -2.82 27.18
CA ILE H 86 21.92 -3.40 26.90
C ILE H 86 21.69 -4.53 27.90
N THR H 87 20.56 -4.51 28.58
CA THR H 87 20.27 -5.53 29.56
C THR H 87 19.00 -6.28 29.17
N SER H 88 18.53 -7.13 30.07
CA SER H 88 17.27 -7.82 29.85
C SER H 88 16.09 -6.93 30.12
N ARG H 89 16.30 -5.62 30.17
CA ARG H 89 15.27 -4.67 30.53
C ARG H 89 15.11 -3.56 29.52
N GLU H 90 16.15 -3.25 28.74
CA GLU H 90 15.94 -2.45 27.55
C GLU H 90 15.24 -3.25 26.47
N ILE H 91 15.51 -4.56 26.37
CA ILE H 91 14.85 -5.35 25.36
C ILE H 91 13.38 -5.52 25.68
N GLN H 92 13.03 -5.56 26.96
CA GLN H 92 11.62 -5.68 27.31
C GLN H 92 10.84 -4.43 26.97
N THR H 93 11.46 -3.26 27.06
CA THR H 93 10.77 -2.02 26.72
C THR H 93 10.74 -1.78 25.22
N ALA H 94 11.81 -2.14 24.51
CA ALA H 94 11.79 -2.03 23.06
C ALA H 94 10.68 -2.86 22.45
N VAL H 95 10.40 -4.03 23.03
CA VAL H 95 9.35 -4.88 22.50
C VAL H 95 7.98 -4.25 22.74
N ARG H 96 7.77 -3.66 23.92
CA ARG H 96 6.51 -2.96 24.17
C ARG H 96 6.34 -1.77 23.25
N LEU H 97 7.42 -1.13 22.84
CA LEU H 97 7.30 -0.01 21.91
C LEU H 97 7.10 -0.46 20.48
N LEU H 98 7.62 -1.63 20.10
CA LEU H 98 7.52 -2.02 18.70
C LEU H 98 6.27 -2.84 18.41
N LEU H 99 5.94 -3.81 19.24
CA LEU H 99 4.89 -4.74 18.88
C LEU H 99 3.52 -4.20 19.23
N PRO H 100 2.50 -4.54 18.45
CA PRO H 100 1.15 -4.02 18.71
C PRO H 100 0.50 -4.60 19.96
N GLY H 101 -0.77 -4.24 20.14
CA GLY H 101 -1.50 -4.50 21.36
C GLY H 101 -1.38 -5.87 21.96
N GLU H 102 -1.81 -6.90 21.23
CA GLU H 102 -1.82 -8.24 21.78
C GLU H 102 -0.51 -8.98 21.57
N LEU H 103 0.19 -8.77 20.47
CA LEU H 103 1.51 -9.36 20.32
C LEU H 103 2.40 -8.99 21.50
N ALA H 104 2.36 -7.75 21.95
CA ALA H 104 3.30 -7.32 22.98
C ALA H 104 2.87 -7.70 24.37
N LYS H 105 2.01 -8.70 24.50
CA LYS H 105 1.66 -9.21 25.82
C LYS H 105 1.95 -10.69 25.99
N HIS H 106 2.13 -11.44 24.91
CA HIS H 106 2.69 -12.78 24.99
C HIS H 106 4.18 -12.82 24.76
N ALA H 107 4.73 -11.87 24.00
CA ALA H 107 6.16 -11.85 23.78
C ALA H 107 6.89 -11.56 25.09
N VAL H 108 6.41 -10.58 25.86
CA VAL H 108 6.99 -10.30 27.16
C VAL H 108 6.91 -11.52 28.07
N SER H 109 5.82 -12.27 28.00
CA SER H 109 5.70 -13.48 28.80
C SER H 109 6.74 -14.51 28.42
N GLU H 110 6.85 -14.82 27.12
CA GLU H 110 7.82 -15.80 26.67
C GLU H 110 9.24 -15.39 27.03
N GLY H 111 9.55 -14.11 26.88
CA GLY H 111 10.86 -13.63 27.28
C GLY H 111 11.11 -13.82 28.76
N THR H 112 10.27 -13.23 29.60
CA THR H 112 10.48 -13.31 31.04
C THR H 112 10.39 -14.73 31.57
N LYS H 113 9.91 -15.69 30.78
CA LYS H 113 9.98 -17.08 31.18
C LYS H 113 11.28 -17.75 30.74
N ALA H 114 11.72 -17.50 29.52
CA ALA H 114 12.94 -18.12 29.05
C ALA H 114 14.17 -17.57 29.70
N VAL H 115 14.09 -16.54 30.53
CA VAL H 115 15.22 -16.10 31.31
C VAL H 115 15.17 -16.63 32.73
N THR H 116 13.97 -16.76 33.31
CA THR H 116 13.85 -17.46 34.59
C THR H 116 14.31 -18.90 34.47
N LYS H 117 13.99 -19.55 33.35
CA LYS H 117 14.45 -20.92 33.20
C LYS H 117 15.95 -21.03 32.98
N TYR H 118 16.62 -19.94 32.66
CA TYR H 118 18.05 -19.95 32.36
C TYR H 118 18.89 -19.51 33.54
N THR H 119 18.39 -18.59 34.35
CA THR H 119 19.11 -18.16 35.54
C THR H 119 18.96 -19.14 36.69
N SER H 120 18.00 -20.05 36.62
CA SER H 120 17.77 -21.02 37.68
C SER H 120 18.86 -22.09 37.70
N ALA H 121 19.07 -22.77 36.57
CA ALA H 121 20.09 -23.80 36.47
C ALA H 121 21.23 -23.34 35.57
N ASN K 387 -52.18 -34.37 -44.74
CA ASN K 387 -50.83 -33.89 -44.46
C ASN K 387 -50.41 -34.19 -43.03
N SER K 388 -50.75 -35.39 -42.57
CA SER K 388 -50.42 -35.82 -41.21
C SER K 388 -49.05 -36.48 -41.11
N ARG K 389 -48.14 -36.20 -42.03
CA ARG K 389 -46.78 -36.72 -41.92
C ARG K 389 -46.06 -36.05 -40.75
N LYS K 390 -44.85 -36.54 -40.48
CA LYS K 390 -44.09 -36.16 -39.31
C LYS K 390 -42.72 -35.64 -39.72
N PRO K 391 -42.00 -34.95 -38.82
CA PRO K 391 -40.66 -34.45 -39.18
C PRO K 391 -39.71 -35.58 -39.46
N PRO K 392 -38.78 -35.40 -40.39
CA PRO K 392 -37.77 -36.42 -40.67
C PRO K 392 -36.98 -36.73 -39.41
N PRO K 393 -36.65 -38.01 -39.18
CA PRO K 393 -36.11 -38.41 -37.88
C PRO K 393 -34.81 -37.71 -37.51
N TYR K 394 -34.72 -37.30 -36.25
CA TYR K 394 -33.52 -36.69 -35.70
C TYR K 394 -33.14 -37.43 -34.43
N LYS K 395 -31.88 -37.85 -34.37
CA LYS K 395 -31.37 -38.62 -33.23
C LYS K 395 -31.39 -37.81 -31.95
N HIS K 396 -32.46 -37.97 -31.17
CA HIS K 396 -32.56 -37.24 -29.91
C HIS K 396 -31.38 -37.58 -29.00
N ILE K 397 -30.75 -36.55 -28.45
CA ILE K 397 -29.50 -36.70 -27.71
C ILE K 397 -29.52 -35.75 -26.53
N LYS K 398 -28.87 -36.12 -25.40
CA LYS K 398 -28.79 -35.26 -24.21
C LYS K 398 -27.51 -34.40 -24.08
N ALA K 399 -26.40 -34.78 -24.73
CA ALA K 399 -25.17 -34.01 -24.63
C ALA K 399 -24.58 -33.80 -26.03
N ASN K 400 -23.39 -33.21 -26.07
CA ASN K 400 -22.74 -32.91 -27.33
C ASN K 400 -21.84 -34.06 -27.76
N LYS K 401 -21.61 -34.16 -29.07
CA LYS K 401 -20.76 -35.21 -29.63
C LYS K 401 -19.67 -34.60 -30.50
N VAL K 402 -18.44 -35.07 -30.32
CA VAL K 402 -17.30 -34.59 -31.09
C VAL K 402 -17.11 -35.47 -32.32
N ILE K 403 -16.94 -34.83 -33.48
CA ILE K 403 -16.75 -35.53 -34.74
C ILE K 403 -15.49 -35.09 -35.46
N GLY K 404 -15.30 -33.79 -35.65
CA GLY K 404 -14.22 -33.27 -36.48
C GLY K 404 -12.84 -33.35 -35.86
N LYS K 405 -12.00 -32.37 -36.17
CA LYS K 405 -10.62 -32.32 -35.69
C LYS K 405 -10.51 -31.66 -34.32
N VAL K 406 -11.63 -31.30 -33.71
CA VAL K 406 -11.65 -30.61 -32.43
C VAL K 406 -11.59 -31.67 -31.34
N GLN K 407 -11.09 -31.27 -30.17
CA GLN K 407 -10.92 -32.16 -29.03
C GLN K 407 -11.72 -31.60 -27.85
N ILE K 408 -11.62 -32.24 -26.69
CA ILE K 408 -12.35 -31.84 -25.51
C ILE K 408 -11.38 -31.22 -24.50
N GLN K 409 -11.88 -30.24 -23.74
CA GLN K 409 -11.05 -29.55 -22.77
C GLN K 409 -11.60 -29.69 -21.35
N VAL K 410 -11.99 -30.91 -21.00
CA VAL K 410 -12.50 -31.24 -19.67
C VAL K 410 -11.49 -30.75 -18.64
N ALA K 411 -11.96 -30.02 -17.64
CA ALA K 411 -11.12 -29.39 -16.64
C ALA K 411 -11.01 -30.26 -15.40
N ASP K 412 -10.08 -29.87 -14.51
CA ASP K 412 -9.89 -30.52 -13.23
C ASP K 412 -10.49 -29.67 -12.12
N LEU K 413 -10.46 -30.21 -10.91
CA LEU K 413 -11.03 -29.50 -9.78
C LEU K 413 -10.02 -28.48 -9.23
N SER K 414 -9.42 -27.70 -10.13
CA SER K 414 -8.60 -26.56 -9.73
C SER K 414 -8.75 -25.37 -10.65
N GLU K 415 -9.54 -25.46 -11.70
CA GLU K 415 -9.76 -24.38 -12.66
C GLU K 415 -11.24 -23.98 -12.62
N ILE K 416 -11.83 -24.09 -11.44
CA ILE K 416 -13.24 -23.76 -11.22
C ILE K 416 -13.33 -22.68 -10.15
N PRO K 417 -13.98 -21.56 -10.43
CA PRO K 417 -14.07 -20.48 -9.44
C PRO K 417 -14.95 -20.89 -8.26
N ARG K 418 -14.75 -20.19 -7.15
CA ARG K 418 -15.45 -20.47 -5.91
C ARG K 418 -16.24 -19.25 -5.46
N CYS K 419 -17.51 -19.48 -5.15
CA CYS K 419 -18.44 -18.41 -4.83
C CYS K 419 -18.19 -17.89 -3.41
N ASN K 420 -19.06 -17.00 -2.94
CA ASN K 420 -19.01 -16.48 -1.58
C ASN K 420 -20.25 -16.82 -0.78
N CYS K 421 -21.11 -17.72 -1.28
CA CYS K 421 -22.31 -18.10 -0.55
C CYS K 421 -21.92 -18.94 0.67
N LYS K 422 -22.91 -19.44 1.38
CA LYS K 422 -22.71 -20.15 2.63
C LYS K 422 -24.00 -20.85 3.00
N PRO K 423 -23.98 -21.82 3.93
CA PRO K 423 -25.24 -22.43 4.37
C PRO K 423 -26.26 -21.37 4.76
N ALA K 424 -27.31 -21.25 3.96
CA ALA K 424 -28.20 -20.10 4.01
C ALA K 424 -29.60 -20.57 3.62
N ASP K 425 -30.46 -19.64 3.23
CA ASP K 425 -31.85 -19.91 2.95
C ASP K 425 -31.99 -21.00 1.90
N GLU K 426 -33.24 -21.46 1.73
CA GLU K 426 -33.59 -22.54 0.81
C GLU K 426 -32.89 -22.42 -0.55
N ASN K 427 -32.62 -21.19 -1.00
CA ASN K 427 -31.96 -21.01 -2.29
C ASN K 427 -30.55 -20.45 -2.11
N PRO K 428 -29.55 -21.28 -1.85
CA PRO K 428 -28.17 -20.80 -1.93
C PRO K 428 -27.69 -20.81 -3.36
N CYS K 429 -26.98 -19.75 -3.75
CA CYS K 429 -26.61 -19.52 -5.14
C CYS K 429 -27.85 -19.51 -6.03
N GLY K 430 -28.97 -19.14 -5.44
CA GLY K 430 -30.25 -19.21 -6.12
C GLY K 430 -30.46 -18.09 -7.11
N LEU K 431 -31.70 -17.94 -7.57
CA LEU K 431 -32.06 -16.92 -8.55
C LEU K 431 -31.79 -15.51 -8.05
N GLU K 432 -32.50 -15.10 -7.01
CA GLU K 432 -32.31 -13.77 -6.45
C GLU K 432 -31.05 -13.66 -5.61
N SER K 433 -30.57 -14.81 -5.13
CA SER K 433 -29.37 -14.84 -4.32
C SER K 433 -28.21 -14.18 -5.06
N GLU K 434 -27.56 -13.25 -4.39
CA GLU K 434 -26.43 -12.51 -4.94
C GLU K 434 -25.22 -13.44 -5.05
N CYS K 435 -25.35 -14.48 -5.86
CA CYS K 435 -24.27 -15.43 -6.07
C CYS K 435 -23.28 -14.83 -7.05
N LEU K 436 -22.00 -14.81 -6.66
CA LEU K 436 -20.97 -14.21 -7.49
C LEU K 436 -20.90 -14.90 -8.85
N ASN K 437 -20.95 -16.22 -8.86
CA ASN K 437 -20.90 -16.96 -10.11
C ASN K 437 -22.14 -16.75 -10.97
N ARG K 438 -23.31 -16.70 -10.34
CA ARG K 438 -24.54 -16.53 -11.09
C ARG K 438 -24.61 -15.16 -11.74
N MET K 439 -24.12 -14.11 -11.08
CA MET K 439 -24.11 -12.81 -11.74
C MET K 439 -23.11 -12.76 -12.89
N LEU K 440 -22.15 -13.69 -12.93
CA LEU K 440 -21.11 -13.67 -13.93
C LEU K 440 -21.28 -14.77 -14.97
N GLN K 441 -22.39 -15.50 -14.92
CA GLN K 441 -22.71 -16.53 -15.91
C GLN K 441 -21.71 -17.68 -15.87
N TYR K 442 -21.46 -18.17 -14.66
CA TYR K 442 -20.69 -19.39 -14.44
C TYR K 442 -21.57 -20.47 -13.84
N GLU K 443 -21.13 -21.72 -13.98
CA GLU K 443 -21.83 -22.87 -13.44
C GLU K 443 -21.17 -23.30 -12.15
N CYS K 444 -21.92 -23.29 -11.06
CA CYS K 444 -21.36 -23.63 -9.76
C CYS K 444 -20.97 -25.10 -9.73
N HIS K 445 -20.17 -25.46 -8.73
CA HIS K 445 -19.86 -26.89 -8.78
C HIS K 445 -20.19 -27.55 -7.45
N PRO K 446 -20.72 -28.78 -7.48
CA PRO K 446 -21.15 -29.43 -6.24
C PRO K 446 -20.00 -29.79 -5.30
N GLN K 447 -18.76 -29.87 -5.81
CA GLN K 447 -17.63 -30.30 -5.02
C GLN K 447 -16.78 -29.16 -4.50
N VAL K 448 -17.01 -27.94 -4.97
CA VAL K 448 -16.20 -26.79 -4.56
C VAL K 448 -17.01 -25.74 -3.82
N CYS K 449 -18.32 -25.67 -4.03
CA CYS K 449 -19.13 -24.64 -3.41
C CYS K 449 -19.33 -24.96 -1.93
N PRO K 450 -19.33 -23.94 -1.06
CA PRO K 450 -19.62 -24.22 0.36
C PRO K 450 -21.07 -24.61 0.61
N ALA K 451 -21.99 -24.35 -0.32
CA ALA K 451 -23.38 -24.69 -0.09
C ALA K 451 -23.64 -26.19 -0.12
N GLY K 452 -22.60 -27.00 -0.19
CA GLY K 452 -22.77 -28.44 -0.20
C GLY K 452 -23.16 -28.97 -1.56
N ASP K 453 -24.40 -29.43 -1.70
CA ASP K 453 -24.87 -29.96 -2.97
C ASP K 453 -26.19 -29.37 -3.41
N ARG K 454 -26.90 -28.64 -2.55
CA ARG K 454 -28.23 -28.14 -2.88
C ARG K 454 -28.21 -26.75 -3.49
N CYS K 455 -27.04 -26.24 -3.89
CA CYS K 455 -27.01 -24.94 -4.54
C CYS K 455 -27.81 -24.99 -5.83
N GLN K 456 -28.77 -24.08 -5.95
CA GLN K 456 -29.69 -24.08 -7.07
C GLN K 456 -29.08 -23.47 -8.33
N ASN K 457 -27.77 -23.32 -8.38
CA ASN K 457 -27.07 -22.85 -9.57
C ASN K 457 -26.74 -24.01 -10.52
N GLN K 458 -26.71 -25.23 -10.01
CA GLN K 458 -26.44 -26.42 -10.83
C GLN K 458 -27.67 -26.66 -11.69
N CYS K 459 -27.78 -25.93 -12.79
CA CYS K 459 -28.92 -26.05 -13.68
C CYS K 459 -28.54 -26.52 -15.08
N PHE K 460 -27.38 -27.17 -15.24
CA PHE K 460 -27.03 -27.81 -16.49
C PHE K 460 -26.77 -29.29 -16.32
N THR K 461 -27.25 -29.89 -15.23
CA THR K 461 -27.30 -31.33 -15.02
C THR K 461 -28.68 -31.83 -14.65
N LYS K 462 -29.43 -31.04 -13.87
CA LYS K 462 -30.80 -31.43 -13.53
C LYS K 462 -31.67 -31.52 -14.77
N ARG K 463 -31.53 -30.55 -15.68
CA ARG K 463 -32.22 -30.56 -16.97
C ARG K 463 -33.74 -30.66 -16.79
N LEU K 464 -34.30 -29.62 -16.19
CA LEU K 464 -35.74 -29.53 -15.94
C LEU K 464 -36.36 -28.63 -17.01
N TYR K 465 -36.79 -29.27 -18.08
CA TYR K 465 -37.00 -28.62 -19.38
C TYR K 465 -38.45 -28.19 -19.64
N PRO K 466 -38.71 -27.53 -20.78
CA PRO K 466 -40.09 -27.24 -21.18
C PRO K 466 -40.86 -28.46 -21.68
N ASP K 467 -42.02 -28.21 -22.30
CA ASP K 467 -43.08 -29.19 -22.46
C ASP K 467 -43.62 -29.20 -23.89
N ALA K 468 -44.85 -29.69 -24.07
CA ALA K 468 -45.38 -30.34 -25.28
C ALA K 468 -44.87 -29.83 -26.62
N GLU K 469 -44.59 -30.77 -27.52
CA GLU K 469 -43.85 -30.60 -28.76
C GLU K 469 -44.67 -30.02 -29.90
N ILE K 470 -44.17 -30.20 -31.13
CA ILE K 470 -44.62 -29.47 -32.31
C ILE K 470 -46.14 -29.36 -32.34
N ILE K 471 -46.62 -28.15 -32.56
CA ILE K 471 -48.01 -27.90 -32.95
C ILE K 471 -47.98 -27.41 -34.38
N LYS K 472 -49.16 -27.25 -34.98
CA LYS K 472 -49.23 -26.90 -36.39
C LYS K 472 -49.28 -25.39 -36.58
N THR K 473 -48.43 -24.89 -37.46
CA THR K 473 -48.45 -23.49 -37.86
C THR K 473 -48.97 -23.38 -39.29
N GLU K 474 -48.93 -22.18 -39.87
CA GLU K 474 -49.58 -21.94 -41.15
C GLU K 474 -48.79 -22.53 -42.33
N ARG K 475 -47.57 -22.04 -42.56
CA ARG K 475 -46.75 -22.53 -43.66
C ARG K 475 -45.34 -22.88 -43.25
N ARG K 476 -44.90 -22.51 -42.05
CA ARG K 476 -43.58 -22.90 -41.56
C ARG K 476 -43.54 -24.42 -41.38
N GLY K 477 -42.37 -24.93 -41.01
CA GLY K 477 -42.22 -26.38 -40.94
C GLY K 477 -43.10 -27.02 -39.89
N TRP K 478 -42.75 -26.87 -38.60
CA TRP K 478 -43.70 -27.23 -37.56
C TRP K 478 -43.77 -26.21 -36.43
N GLY K 479 -42.62 -25.67 -36.04
CA GLY K 479 -42.57 -24.83 -34.86
C GLY K 479 -42.83 -25.61 -33.58
N LEU K 480 -42.87 -24.89 -32.47
CA LEU K 480 -43.18 -25.49 -31.18
C LEU K 480 -44.00 -24.50 -30.35
N ARG K 481 -44.24 -24.86 -29.09
CA ARG K 481 -45.01 -24.09 -28.13
C ARG K 481 -44.73 -24.67 -26.76
N THR K 482 -45.26 -24.01 -25.73
CA THR K 482 -45.12 -24.49 -24.36
C THR K 482 -46.45 -25.02 -23.86
N LYS K 483 -46.39 -25.89 -22.86
CA LYS K 483 -47.57 -26.48 -22.27
C LYS K 483 -47.69 -26.20 -20.78
N ARG K 484 -46.57 -25.95 -20.10
CA ARG K 484 -46.57 -25.58 -18.69
C ARG K 484 -46.02 -24.18 -18.52
N SER K 485 -46.67 -23.40 -17.67
CA SER K 485 -46.29 -22.01 -17.50
C SER K 485 -44.95 -21.89 -16.78
N ILE K 486 -44.24 -20.81 -17.05
CA ILE K 486 -42.91 -20.55 -16.53
C ILE K 486 -42.86 -19.16 -15.94
N LYS K 487 -41.71 -18.80 -15.38
CA LYS K 487 -41.50 -17.48 -14.82
C LYS K 487 -40.50 -16.70 -15.67
N LYS K 488 -40.15 -15.49 -15.22
CA LYS K 488 -39.30 -14.58 -15.98
C LYS K 488 -37.84 -14.82 -15.62
N GLY K 489 -37.01 -15.09 -16.62
CA GLY K 489 -35.62 -15.41 -16.37
C GLY K 489 -35.46 -16.75 -15.71
N GLU K 490 -35.91 -17.80 -16.39
CA GLU K 490 -35.78 -19.17 -15.91
C GLU K 490 -34.98 -19.97 -16.91
N PHE K 491 -34.38 -21.06 -16.43
CA PHE K 491 -33.57 -21.91 -17.29
C PHE K 491 -34.50 -22.68 -18.21
N VAL K 492 -34.77 -22.13 -19.38
CA VAL K 492 -35.48 -22.86 -20.43
C VAL K 492 -34.44 -23.79 -21.05
N ASN K 493 -34.88 -24.74 -21.87
CA ASN K 493 -34.02 -25.82 -22.34
C ASN K 493 -32.74 -25.28 -22.98
N GLU K 494 -31.74 -26.15 -23.04
CA GLU K 494 -30.45 -25.84 -23.65
C GLU K 494 -30.58 -25.88 -25.16
N TYR K 495 -29.43 -25.83 -25.83
CA TYR K 495 -29.33 -25.98 -27.27
C TYR K 495 -28.13 -26.88 -27.54
N VAL K 496 -28.39 -28.11 -27.96
CA VAL K 496 -27.37 -29.15 -27.99
C VAL K 496 -27.39 -29.85 -29.34
N GLY K 497 -26.20 -30.21 -29.81
CA GLY K 497 -26.06 -30.92 -31.07
C GLY K 497 -24.65 -31.42 -31.30
N GLU K 498 -24.17 -31.34 -32.54
CA GLU K 498 -22.86 -31.85 -32.89
C GLU K 498 -21.88 -30.69 -33.06
N LEU K 499 -20.59 -31.03 -33.00
CA LEU K 499 -19.51 -30.06 -33.15
C LEU K 499 -18.94 -30.17 -34.55
N ILE K 500 -18.83 -29.02 -35.24
CA ILE K 500 -18.28 -28.96 -36.58
C ILE K 500 -17.32 -27.79 -36.66
N ASP K 501 -16.26 -27.94 -37.44
CA ASP K 501 -15.29 -26.87 -37.62
C ASP K 501 -15.67 -26.01 -38.82
N GLU K 502 -15.03 -24.88 -39.08
CA GLU K 502 -15.37 -24.03 -40.21
C GLU K 502 -15.15 -24.68 -41.58
N GLU K 503 -14.06 -25.42 -41.78
CA GLU K 503 -13.87 -25.97 -43.11
C GLU K 503 -14.89 -27.06 -43.41
N GLU K 504 -15.14 -27.94 -42.43
CA GLU K 504 -16.21 -28.91 -42.58
C GLU K 504 -17.55 -28.21 -42.68
N CYS K 505 -17.69 -27.06 -42.04
CA CYS K 505 -18.94 -26.30 -42.14
C CYS K 505 -19.16 -25.77 -43.55
N ARG K 506 -18.13 -25.14 -44.13
CA ARG K 506 -18.27 -24.64 -45.49
C ARG K 506 -18.49 -25.79 -46.46
N LEU K 507 -17.81 -26.93 -46.26
CA LEU K 507 -18.04 -28.07 -47.14
C LEU K 507 -19.46 -28.61 -46.99
N ARG K 508 -19.99 -28.66 -45.77
CA ARG K 508 -21.32 -29.19 -45.57
C ARG K 508 -22.37 -28.27 -46.16
N ILE K 509 -22.21 -26.96 -46.00
CA ILE K 509 -23.21 -26.07 -46.55
C ILE K 509 -23.11 -26.04 -48.06
N LYS K 510 -21.91 -26.12 -48.64
CA LYS K 510 -21.83 -26.12 -50.10
C LYS K 510 -22.36 -27.42 -50.67
N ARG K 511 -22.18 -28.54 -49.96
CA ARG K 511 -22.76 -29.80 -50.41
C ARG K 511 -24.28 -29.74 -50.35
N ALA K 512 -24.81 -29.23 -49.25
CA ALA K 512 -26.25 -29.06 -49.11
C ALA K 512 -26.81 -27.94 -49.98
N HIS K 513 -25.94 -27.15 -50.62
CA HIS K 513 -26.40 -26.02 -51.41
C HIS K 513 -26.76 -26.43 -52.84
N GLU K 514 -26.00 -27.37 -53.42
CA GLU K 514 -26.25 -27.77 -54.80
C GLU K 514 -27.64 -28.37 -54.98
N ASN K 515 -28.15 -29.08 -53.99
CA ASN K 515 -29.50 -29.62 -54.03
C ASN K 515 -30.52 -28.67 -53.42
N SER K 516 -30.09 -27.51 -52.94
CA SER K 516 -30.94 -26.51 -52.30
C SER K 516 -31.88 -27.15 -51.28
N VAL K 517 -31.27 -27.87 -50.33
CA VAL K 517 -32.05 -28.52 -49.28
C VAL K 517 -32.55 -27.50 -48.27
N THR K 518 -32.16 -26.24 -48.43
CA THR K 518 -32.53 -25.15 -47.51
C THR K 518 -32.01 -25.45 -46.10
N ASN K 519 -30.68 -25.47 -45.99
CA ASN K 519 -30.01 -25.68 -44.71
C ASN K 519 -30.37 -24.61 -43.70
N PHE K 520 -30.75 -25.03 -42.50
CA PHE K 520 -31.39 -24.13 -41.55
C PHE K 520 -30.77 -24.23 -40.15
N TYR K 521 -30.17 -25.38 -39.83
CA TYR K 521 -29.59 -25.57 -38.51
C TYR K 521 -28.07 -25.39 -38.46
N MET K 522 -27.64 -24.23 -37.97
CA MET K 522 -26.22 -23.91 -37.86
C MET K 522 -25.95 -22.76 -36.89
N LEU K 523 -25.56 -23.10 -35.66
CA LEU K 523 -25.27 -22.09 -34.65
C LEU K 523 -23.80 -22.14 -34.26
N THR K 524 -23.22 -20.98 -34.00
CA THR K 524 -21.82 -20.89 -33.61
C THR K 524 -21.65 -20.25 -32.23
N VAL K 525 -20.51 -20.50 -31.61
CA VAL K 525 -20.23 -19.94 -30.30
C VAL K 525 -18.87 -19.27 -30.23
N THR K 526 -17.81 -19.98 -30.62
CA THR K 526 -16.48 -19.40 -30.72
C THR K 526 -15.89 -19.82 -32.06
N LYS K 527 -14.61 -19.55 -32.26
CA LYS K 527 -13.97 -19.93 -33.50
C LYS K 527 -13.64 -21.42 -33.45
N ASP K 528 -13.65 -22.05 -34.62
CA ASP K 528 -13.32 -23.47 -34.79
C ASP K 528 -14.17 -24.34 -33.86
N ARG K 529 -15.38 -23.86 -33.57
CA ARG K 529 -16.34 -24.60 -32.78
C ARG K 529 -17.73 -24.08 -33.13
N ILE K 530 -18.50 -24.91 -33.83
CA ILE K 530 -19.83 -24.54 -34.28
C ILE K 530 -20.80 -25.64 -33.86
N ILE K 531 -21.81 -25.28 -33.07
CA ILE K 531 -22.84 -26.21 -32.62
C ILE K 531 -23.83 -26.40 -33.75
N ASP K 532 -23.98 -27.65 -34.19
CA ASP K 532 -24.90 -28.00 -35.26
C ASP K 532 -26.04 -28.81 -34.67
N ALA K 533 -27.24 -28.63 -35.23
CA ALA K 533 -28.41 -29.36 -34.78
C ALA K 533 -29.20 -29.93 -35.95
N GLY K 534 -28.57 -30.02 -37.12
CA GLY K 534 -29.24 -30.55 -38.29
C GLY K 534 -29.48 -32.04 -38.21
N PRO K 535 -28.42 -32.84 -38.27
CA PRO K 535 -28.61 -34.29 -38.21
C PRO K 535 -29.30 -34.75 -36.94
N LYS K 536 -28.72 -34.47 -35.77
CA LYS K 536 -29.34 -34.79 -34.50
C LYS K 536 -29.49 -33.51 -33.69
N GLY K 537 -29.94 -33.66 -32.46
CA GLY K 537 -30.11 -32.52 -31.59
C GLY K 537 -31.14 -32.81 -30.52
N ASN K 538 -31.94 -31.79 -30.21
CA ASN K 538 -32.90 -31.87 -29.12
C ASN K 538 -34.16 -31.13 -29.56
N TYR K 539 -35.10 -30.98 -28.63
CA TYR K 539 -36.33 -30.25 -28.89
C TYR K 539 -36.12 -28.75 -28.91
N SER K 540 -34.88 -28.30 -28.87
CA SER K 540 -34.55 -26.89 -29.05
C SER K 540 -34.34 -26.52 -30.51
N ARG K 541 -34.35 -27.48 -31.43
CA ARG K 541 -34.05 -27.17 -32.82
C ARG K 541 -35.22 -26.53 -33.54
N PHE K 542 -36.46 -26.80 -33.13
CA PHE K 542 -37.62 -26.19 -33.77
C PHE K 542 -38.05 -24.96 -32.99
N MET K 543 -37.08 -24.09 -32.70
CA MET K 543 -37.36 -22.84 -32.01
C MET K 543 -37.48 -21.73 -33.04
N ASN K 544 -38.62 -21.03 -32.99
CA ASN K 544 -39.01 -20.14 -34.07
C ASN K 544 -38.32 -18.79 -33.90
N HIS K 545 -38.19 -18.09 -35.02
CA HIS K 545 -37.55 -16.78 -35.06
C HIS K 545 -38.59 -15.68 -35.08
N SER K 546 -38.24 -14.54 -34.51
CA SER K 546 -39.11 -13.37 -34.55
C SER K 546 -38.25 -12.13 -34.31
N CYS K 547 -38.78 -10.98 -34.73
CA CYS K 547 -38.14 -9.70 -34.44
C CYS K 547 -38.55 -9.13 -33.10
N ASN K 548 -39.62 -9.65 -32.50
CA ASN K 548 -40.01 -9.33 -31.12
C ASN K 548 -40.07 -10.63 -30.35
N PRO K 549 -38.95 -11.08 -29.81
CA PRO K 549 -38.84 -12.43 -29.27
C PRO K 549 -39.55 -12.56 -27.93
N ASN K 550 -39.40 -13.74 -27.34
CA ASN K 550 -39.87 -14.02 -26.00
C ASN K 550 -38.76 -14.50 -25.08
N CYS K 551 -37.87 -15.36 -25.57
CA CYS K 551 -36.70 -15.81 -24.82
C CYS K 551 -35.45 -15.37 -25.57
N GLU K 552 -34.30 -15.52 -24.93
CA GLU K 552 -33.02 -15.07 -25.47
C GLU K 552 -32.00 -16.19 -25.41
N THR K 553 -30.90 -16.01 -26.13
CA THR K 553 -29.83 -17.00 -26.16
C THR K 553 -28.58 -16.43 -25.50
N GLN K 554 -28.27 -16.91 -24.30
CA GLN K 554 -27.10 -16.46 -23.57
C GLN K 554 -25.85 -17.27 -23.89
N LYS K 555 -24.91 -17.31 -22.96
CA LYS K 555 -23.68 -18.05 -23.14
C LYS K 555 -23.02 -18.30 -21.79
N TRP K 556 -23.33 -19.44 -21.18
CA TRP K 556 -22.75 -19.77 -19.88
C TRP K 556 -21.48 -20.61 -20.02
N THR K 557 -20.79 -20.77 -18.91
CA THR K 557 -19.55 -21.55 -18.87
C THR K 557 -19.71 -22.64 -17.82
N VAL K 558 -19.77 -23.89 -18.27
CA VAL K 558 -20.01 -25.03 -17.40
C VAL K 558 -18.76 -25.89 -17.41
N ASN K 559 -18.14 -26.03 -16.24
CA ASN K 559 -17.04 -26.97 -16.01
C ASN K 559 -15.96 -26.86 -17.08
N GLY K 560 -15.35 -25.68 -17.16
CA GLY K 560 -14.29 -25.45 -18.12
C GLY K 560 -14.73 -25.21 -19.54
N ASP K 561 -15.90 -25.70 -19.94
CA ASP K 561 -16.38 -25.54 -21.30
C ASP K 561 -17.47 -24.49 -21.35
N VAL K 562 -17.69 -23.94 -22.54
CA VAL K 562 -18.70 -22.92 -22.79
C VAL K 562 -19.92 -23.60 -23.40
N ARG K 563 -21.10 -23.19 -22.96
CA ARG K 563 -22.34 -23.81 -23.42
C ARG K 563 -23.41 -22.73 -23.58
N VAL K 564 -24.43 -23.05 -24.37
CA VAL K 564 -25.46 -22.10 -24.74
C VAL K 564 -26.78 -22.51 -24.09
N GLY K 565 -27.37 -21.58 -23.35
CA GLY K 565 -28.62 -21.85 -22.68
C GLY K 565 -29.60 -20.70 -22.84
N LEU K 566 -30.82 -21.01 -23.29
CA LEU K 566 -31.81 -19.98 -23.59
C LEU K 566 -32.63 -19.67 -22.34
N PHE K 567 -32.83 -18.38 -22.09
CA PHE K 567 -33.50 -17.91 -20.88
C PHE K 567 -34.63 -16.96 -21.28
N ALA K 568 -35.55 -16.72 -20.34
CA ALA K 568 -36.79 -16.02 -20.64
C ALA K 568 -36.64 -14.53 -20.38
N LEU K 569 -37.22 -13.72 -21.27
CA LEU K 569 -37.25 -12.26 -21.07
C LEU K 569 -38.37 -11.87 -20.12
N CYS K 570 -39.58 -12.35 -20.37
CA CYS K 570 -40.75 -11.96 -19.60
C CYS K 570 -41.58 -13.20 -19.31
N ASP K 571 -41.96 -13.35 -18.04
CA ASP K 571 -42.70 -14.53 -17.62
C ASP K 571 -43.98 -14.68 -18.43
N ILE K 572 -44.32 -15.92 -18.74
CA ILE K 572 -45.45 -16.22 -19.62
C ILE K 572 -46.27 -17.36 -19.07
N PRO K 573 -47.60 -17.24 -19.09
CA PRO K 573 -48.44 -18.42 -18.82
C PRO K 573 -48.27 -19.49 -19.88
N ALA K 574 -48.81 -20.67 -19.57
CA ALA K 574 -48.71 -21.80 -20.49
C ALA K 574 -49.57 -21.58 -21.72
N GLY K 575 -48.94 -21.61 -22.89
CA GLY K 575 -49.69 -21.59 -24.14
C GLY K 575 -49.27 -20.60 -25.19
N MET K 576 -48.16 -19.89 -24.98
CA MET K 576 -47.61 -19.02 -26.01
C MET K 576 -46.35 -19.64 -26.59
N GLU K 577 -46.28 -19.66 -27.91
CA GLU K 577 -45.21 -20.35 -28.62
C GLU K 577 -43.91 -19.58 -28.43
N LEU K 578 -42.89 -20.26 -27.91
CA LEU K 578 -41.66 -19.61 -27.51
C LEU K 578 -40.87 -19.20 -28.76
N THR K 579 -40.21 -18.05 -28.67
CA THR K 579 -39.44 -17.55 -29.80
C THR K 579 -38.22 -16.79 -29.30
N PHE K 580 -37.22 -16.69 -30.16
CA PHE K 580 -36.00 -15.94 -29.86
C PHE K 580 -35.41 -15.45 -31.17
N ASN K 581 -34.83 -14.25 -31.13
CA ASN K 581 -34.21 -13.68 -32.31
C ASN K 581 -32.78 -14.18 -32.45
N TYR K 582 -32.27 -14.12 -33.69
CA TYR K 582 -30.87 -14.46 -33.92
C TYR K 582 -30.35 -13.72 -35.14
N ASN K 583 -29.03 -13.63 -35.23
CA ASN K 583 -28.39 -12.90 -36.31
C ASN K 583 -27.83 -13.87 -37.32
N LEU K 584 -27.78 -13.44 -38.58
CA LEU K 584 -27.26 -14.32 -39.62
C LEU K 584 -25.97 -13.80 -40.22
N ASP K 585 -25.54 -14.47 -41.29
CA ASP K 585 -24.28 -14.20 -41.99
C ASP K 585 -24.47 -14.65 -43.44
N CYS K 586 -24.59 -13.69 -44.35
CA CYS K 586 -24.93 -13.99 -45.74
C CYS K 586 -23.65 -14.28 -46.52
N LEU K 587 -23.64 -15.42 -47.21
CA LEU K 587 -22.54 -15.74 -48.11
C LEU K 587 -22.91 -15.53 -49.58
N GLY K 588 -24.19 -15.61 -49.91
CA GLY K 588 -24.65 -15.37 -51.26
C GLY K 588 -25.52 -14.13 -51.37
N ASN K 589 -26.84 -14.35 -51.47
CA ASN K 589 -27.79 -13.25 -51.59
C ASN K 589 -28.88 -13.43 -50.54
N GLY K 590 -29.71 -12.41 -50.43
CA GLY K 590 -30.81 -12.45 -49.48
C GLY K 590 -32.17 -12.64 -50.11
N ARG K 591 -32.71 -13.85 -50.02
CA ARG K 591 -34.04 -14.15 -50.55
C ARG K 591 -34.87 -14.84 -49.48
N THR K 592 -34.92 -14.25 -48.28
CA THR K 592 -35.63 -14.83 -47.15
C THR K 592 -36.39 -13.72 -46.44
N GLU K 593 -37.63 -14.00 -46.03
CA GLU K 593 -38.43 -13.01 -45.34
C GLU K 593 -38.94 -13.56 -44.00
N CYS K 594 -39.10 -12.65 -43.03
CA CYS K 594 -39.50 -13.00 -41.67
C CYS K 594 -41.02 -13.09 -41.60
N HIS K 595 -41.57 -14.26 -41.92
CA HIS K 595 -43.00 -14.49 -41.80
C HIS K 595 -43.35 -14.94 -40.37
N CYS K 596 -43.07 -14.06 -39.42
CA CYS K 596 -43.35 -14.30 -38.01
C CYS K 596 -44.59 -13.54 -37.53
N GLY K 597 -44.69 -12.26 -37.86
CA GLY K 597 -45.88 -11.50 -37.53
C GLY K 597 -45.69 -10.54 -36.38
N ALA K 598 -45.47 -9.27 -36.70
CA ALA K 598 -45.33 -8.20 -35.71
C ALA K 598 -45.45 -6.88 -36.47
N ASP K 599 -45.14 -5.78 -35.78
CA ASP K 599 -45.42 -4.46 -36.31
C ASP K 599 -44.28 -3.96 -37.21
N ASN K 600 -43.04 -4.21 -36.82
CA ASN K 600 -41.90 -3.84 -37.64
C ASN K 600 -41.16 -5.04 -38.20
N CYS K 601 -41.69 -6.25 -37.99
CA CYS K 601 -40.95 -7.49 -38.20
C CYS K 601 -40.68 -7.84 -39.66
N SER K 602 -41.02 -6.97 -40.61
CA SER K 602 -40.86 -7.34 -42.01
C SER K 602 -39.39 -7.60 -42.34
N GLY K 603 -38.58 -6.54 -42.31
CA GLY K 603 -37.14 -6.63 -42.43
C GLY K 603 -36.58 -7.68 -43.38
N PHE K 604 -35.68 -8.48 -42.85
CA PHE K 604 -34.97 -9.54 -43.57
C PHE K 604 -34.37 -10.46 -42.52
N LEU K 605 -33.95 -11.66 -42.93
CA LEU K 605 -33.39 -12.64 -42.01
C LEU K 605 -32.00 -12.29 -41.53
N GLY K 606 -31.52 -11.07 -41.77
CA GLY K 606 -30.25 -10.64 -41.26
C GLY K 606 -30.28 -9.20 -40.79
N VAL K 607 -31.44 -8.57 -40.92
CA VAL K 607 -31.64 -7.16 -40.59
C VAL K 607 -32.78 -7.07 -39.58
N ARG K 608 -32.59 -6.22 -38.57
CA ARG K 608 -33.60 -6.00 -37.55
C ARG K 608 -34.66 -5.03 -38.05
N SAM L . -39.63 -23.68 -40.54
CA SAM L . -39.07 -24.79 -39.78
C SAM L . -39.59 -24.81 -38.35
O SAM L . -39.69 -25.87 -37.73
OXT SAM L . -39.92 -23.77 -37.79
CB SAM L . -37.55 -24.72 -39.79
CG SAM L . -36.99 -23.52 -39.03
SD SAM L . -35.19 -23.63 -38.82
CE SAM L . -35.09 -23.77 -37.02
C5' SAM L . -34.69 -21.90 -39.07
C4' SAM L . -34.69 -21.50 -40.54
O4' SAM L . -35.99 -21.16 -40.94
C3' SAM L . -33.82 -20.30 -40.83
O3' SAM L . -32.59 -20.70 -41.39
C2' SAM L . -34.60 -19.49 -41.83
O2' SAM L . -33.97 -19.56 -43.09
C1' SAM L . -35.97 -20.14 -41.92
N9 SAM L . -36.96 -19.13 -41.52
C8 SAM L . -37.01 -17.83 -41.95
N7 SAM L . -38.06 -17.22 -41.35
C5 SAM L . -38.65 -18.12 -40.54
C6 SAM L . -39.74 -18.04 -39.69
N6 SAM L . -40.42 -16.90 -39.59
N1 SAM L . -40.13 -19.14 -38.97
C2 SAM L . -39.43 -20.33 -39.09
N3 SAM L . -38.34 -20.41 -39.92
C4 SAM L . -37.97 -19.32 -40.64
ZN ZN M . -40.13 -10.65 -37.69
ZN ZN N . -23.37 -18.42 -4.81
ZN ZN O . -23.52 -23.00 -5.51
#